data_5M91
#
_entry.id   5M91
#
_cell.length_a   73.541
_cell.length_b   73.541
_cell.length_c   184.613
_cell.angle_alpha   90.00
_cell.angle_beta   90.00
_cell.angle_gamma   90.00
#
_symmetry.space_group_name_H-M   'P 41'
#
loop_
_entity.id
_entity.type
_entity.pdbx_description
1 polymer 'Tetrachloroethene reductive dehalogenase catalytic subunit PceA'
2 non-polymer 'IRON/SULFUR CLUSTER'
3 non-polymer NORPSEUDO-B12
4 non-polymer BENZAMIDINE
5 non-polymer GLYCEROL
6 non-polymer 2,6-bis(bromanyl)phenol
7 water water
#
_entity_poly.entity_id   1
_entity_poly.type   'polypeptide(L)'
_entity_poly.pdbx_seq_one_letter_code
;AEKEKNAAEIRQQFAMTAGSPIIVNDKLERYAEVRTAFTHPTSFFKPNYKGEVKPWFLSAYDEKVRQIENGENGPKMKAK
NVGEARAGRALEAAGWTLDINYGNIYPNRFFMLWSGETMTNTQLWAPVGLDRRPPDTTDPVELTNYVKFAARMAGADLVG
VARLNRNWVYSEAVTIPADVPYEQSLHKEIEKPIVFKDVPLPIETDDELIIPNTCENVIVAGIAMNREMMQTAPNSMACA
TTAFCYSRMCMFDMWLCQFIRYMGYYAIPSCNGVGQSVAFAVEAGLGQASRMGACITPEFGPNVRLTKVFTNMPLVPDKP
IDFGVTEFCETCKKCARECPSKAITEGPRTFEGRSIHNQSGKLQWQNDYNKCLGYWPESGGYCGVCVAVCPFTKGNIWIH
DGVEWLIDNTRFLDPLMLGMDDALGYGAKRNITEVWDGKINTYGLDADHFRDTVSFRKDRVKKS
;
_entity_poly.pdbx_strand_id   A,B
#
loop_
_chem_comp.id
_chem_comp.type
_chem_comp.name
_chem_comp.formula
94N non-polymer 2,6-bis(bromanyl)phenol 'C6 H4 Br2 O'
BEN non-polymer BENZAMIDINE 'C7 H8 N2'
BVQ non-polymer NORPSEUDO-B12 'C57 H82 Co N16 O14 P 5'
GOL non-polymer GLYCEROL 'C3 H8 O3'
SF4 non-polymer 'IRON/SULFUR CLUSTER' 'Fe4 S4'
#
# COMPACT_ATOMS: atom_id res chain seq x y z
N LYS A 3 -20.94 22.07 15.78
CA LYS A 3 -19.49 22.11 15.93
C LYS A 3 -18.85 21.04 15.05
N GLU A 4 -17.90 21.48 14.22
CA GLU A 4 -17.25 20.56 13.29
C GLU A 4 -16.49 19.48 14.04
N LYS A 5 -16.63 18.25 13.58
CA LYS A 5 -15.98 17.13 14.25
C LYS A 5 -14.48 17.35 14.37
N ASN A 6 -13.95 17.13 15.57
CA ASN A 6 -12.54 17.32 15.86
C ASN A 6 -12.04 16.04 16.53
N ALA A 7 -11.44 15.15 15.73
CA ALA A 7 -10.95 13.89 16.26
C ALA A 7 -9.83 14.09 17.27
N ALA A 8 -9.00 15.12 17.07
CA ALA A 8 -7.92 15.38 18.01
C ALA A 8 -8.48 15.80 19.37
N GLU A 9 -9.49 16.68 19.36
CA GLU A 9 -10.15 17.09 20.60
C GLU A 9 -10.74 15.90 21.32
N ILE A 10 -11.41 15.01 20.57
CA ILE A 10 -12.00 13.81 21.15
C ILE A 10 -10.92 12.98 21.86
N ARG A 11 -9.80 12.71 21.16
CA ARG A 11 -8.74 11.93 21.78
C ARG A 11 -8.16 12.64 23.01
N GLN A 12 -8.03 13.96 22.96
CA GLN A 12 -7.53 14.67 24.15
C GLN A 12 -8.51 14.53 25.31
N GLN A 13 -9.81 14.60 25.03
CA GLN A 13 -10.81 14.60 26.09
C GLN A 13 -10.81 13.28 26.85
N PHE A 14 -10.58 12.16 26.15
CA PHE A 14 -10.71 10.84 26.72
C PHE A 14 -9.36 10.19 27.06
N ALA A 15 -8.26 10.92 26.96
CA ALA A 15 -6.97 10.35 27.32
C ALA A 15 -6.93 10.02 28.81
N MET A 16 -6.32 8.87 29.13
N MET A 16 -6.28 8.92 29.14
CA MET A 16 -6.10 8.39 30.49
CA MET A 16 -6.12 8.50 30.52
C MET A 16 -4.70 8.78 30.97
C MET A 16 -4.66 8.63 30.95
N THR A 17 -4.46 8.58 32.27
CA THR A 17 -3.10 8.63 32.79
C THR A 17 -2.38 7.33 32.43
N ALA A 18 -1.05 7.38 32.50
CA ALA A 18 -0.21 6.26 32.06
C ALA A 18 -0.56 4.97 32.80
N GLY A 19 -0.35 3.85 32.13
CA GLY A 19 -0.52 2.53 32.73
C GLY A 19 -1.34 1.61 31.85
N SER A 20 -0.89 0.36 31.67
CA SER A 20 -1.65 -0.58 30.86
C SER A 20 -3.07 -0.70 31.40
N PRO A 21 -4.10 -0.48 30.57
CA PRO A 21 -5.48 -0.59 31.08
C PRO A 21 -5.94 -2.02 31.26
N ILE A 22 -5.24 -3.01 30.70
CA ILE A 22 -5.70 -4.40 30.76
C ILE A 22 -5.50 -4.96 32.17
N ILE A 23 -6.56 -5.48 32.74
CA ILE A 23 -6.53 -5.98 34.12
C ILE A 23 -6.16 -7.46 34.07
N VAL A 24 -5.18 -7.87 34.88
CA VAL A 24 -4.67 -9.23 34.80
C VAL A 24 -4.63 -9.84 36.20
N ASN A 25 -4.57 -11.17 36.25
CA ASN A 25 -4.31 -11.82 37.54
C ASN A 25 -3.20 -12.85 37.41
N ASP A 26 -3.05 -13.71 38.41
CA ASP A 26 -1.87 -14.54 38.54
C ASP A 26 -1.85 -15.73 37.59
N LYS A 27 -2.96 -16.11 36.98
CA LYS A 27 -2.90 -17.24 36.06
C LYS A 27 -2.48 -16.82 34.65
N LEU A 28 -2.11 -15.56 34.46
CA LEU A 28 -1.68 -15.09 33.15
C LEU A 28 -0.34 -15.71 32.76
N GLU A 29 -0.30 -16.39 31.63
CA GLU A 29 0.93 -16.87 31.02
C GLU A 29 0.93 -16.46 29.55
N ARG A 30 2.12 -16.35 28.98
CA ARG A 30 2.17 -16.07 27.54
C ARG A 30 1.53 -17.23 26.77
N TYR A 31 0.95 -16.89 25.63
CA TYR A 31 0.02 -17.76 24.90
C TYR A 31 0.71 -18.32 23.67
N ALA A 32 0.61 -19.64 23.46
CA ALA A 32 1.26 -20.24 22.29
C ALA A 32 0.39 -20.01 21.06
N GLU A 33 0.99 -19.42 20.02
CA GLU A 33 0.22 -19.02 18.84
C GLU A 33 -0.54 -20.18 18.21
N VAL A 34 -0.03 -21.41 18.34
CA VAL A 34 -0.71 -22.57 17.77
C VAL A 34 -2.11 -22.75 18.35
N ARG A 35 -2.39 -22.11 19.50
CA ARG A 35 -3.71 -22.24 20.10
C ARG A 35 -4.80 -21.47 19.36
N THR A 36 -4.48 -20.57 18.43
CA THR A 36 -5.55 -19.83 17.76
C THR A 36 -6.42 -20.78 16.95
N ALA A 37 -7.69 -20.40 16.76
CA ALA A 37 -8.59 -21.32 16.06
C ALA A 37 -8.09 -21.63 14.65
N PHE A 38 -7.36 -20.72 14.03
CA PHE A 38 -6.85 -20.95 12.68
C PHE A 38 -5.89 -22.13 12.62
N THR A 39 -5.15 -22.38 13.70
CA THR A 39 -4.03 -23.28 13.66
C THR A 39 -4.19 -24.51 14.54
N HIS A 40 -5.03 -24.45 15.57
CA HIS A 40 -5.07 -25.54 16.52
C HIS A 40 -5.76 -26.76 15.90
N PRO A 41 -5.24 -27.96 16.14
CA PRO A 41 -5.86 -29.15 15.52
C PRO A 41 -7.33 -29.35 15.88
N THR A 42 -7.78 -28.84 17.03
CA THR A 42 -9.17 -29.04 17.44
C THR A 42 -10.13 -28.22 16.58
N SER A 43 -9.65 -27.13 15.97
CA SER A 43 -10.49 -26.21 15.23
C SER A 43 -10.12 -26.09 13.78
N PHE A 44 -8.92 -26.55 13.40
CA PHE A 44 -8.39 -26.34 12.06
C PHE A 44 -9.26 -27.01 11.00
N PHE A 45 -9.85 -28.15 11.33
CA PHE A 45 -10.62 -28.94 10.39
C PHE A 45 -12.10 -28.60 10.49
N LYS A 46 -12.74 -28.40 9.35
CA LYS A 46 -14.16 -28.06 9.28
C LYS A 46 -14.78 -28.76 8.09
N PRO A 47 -16.03 -29.19 8.21
CA PRO A 47 -16.71 -29.81 7.07
C PRO A 47 -17.04 -28.78 6.01
N ASN A 48 -17.03 -29.22 4.76
CA ASN A 48 -17.52 -28.38 3.68
C ASN A 48 -19.03 -28.63 3.54
N TYR A 49 -19.64 -28.09 2.50
CA TYR A 49 -21.10 -28.21 2.39
C TYR A 49 -21.54 -29.61 1.99
N LYS A 50 -20.64 -30.45 1.50
CA LYS A 50 -20.92 -31.85 1.23
C LYS A 50 -20.59 -32.75 2.41
N GLY A 51 -20.20 -32.20 3.55
CA GLY A 51 -19.84 -32.97 4.72
C GLY A 51 -18.41 -33.48 4.77
N GLU A 52 -17.56 -33.12 3.81
CA GLU A 52 -16.17 -33.56 3.82
C GLU A 52 -15.33 -32.71 4.77
N VAL A 53 -14.52 -33.35 5.61
CA VAL A 53 -13.74 -32.65 6.63
C VAL A 53 -12.39 -32.28 6.03
N LYS A 54 -12.09 -30.97 6.02
CA LYS A 54 -10.91 -30.43 5.35
C LYS A 54 -10.32 -29.32 6.20
N PRO A 55 -9.08 -28.88 5.93
CA PRO A 55 -8.63 -27.60 6.46
C PRO A 55 -9.69 -26.55 6.18
N TRP A 56 -9.96 -25.71 7.19
CA TRP A 56 -11.10 -24.81 7.14
C TRP A 56 -11.11 -23.95 5.86
N PHE A 57 -9.93 -23.49 5.42
CA PHE A 57 -9.92 -22.57 4.29
C PHE A 57 -10.20 -23.31 2.97
N LEU A 58 -9.88 -24.60 2.90
CA LEU A 58 -10.27 -25.39 1.74
C LEU A 58 -11.78 -25.62 1.72
N SER A 59 -12.39 -25.89 2.87
CA SER A 59 -13.84 -25.98 2.88
C SER A 59 -14.49 -24.65 2.51
N ALA A 60 -13.92 -23.53 2.97
CA ALA A 60 -14.44 -22.23 2.55
C ALA A 60 -14.30 -22.03 1.04
N TYR A 61 -13.17 -22.47 0.47
CA TYR A 61 -13.00 -22.42 -0.99
C TYR A 61 -14.14 -23.13 -1.69
N ASP A 62 -14.49 -24.33 -1.21
CA ASP A 62 -15.57 -25.11 -1.82
C ASP A 62 -16.86 -24.30 -1.86
N GLU A 63 -17.13 -23.55 -0.77
CA GLU A 63 -18.33 -22.71 -0.72
C GLU A 63 -18.23 -21.51 -1.66
N LYS A 64 -17.05 -20.88 -1.77
CA LYS A 64 -16.90 -19.78 -2.74
C LYS A 64 -17.21 -20.27 -4.15
N VAL A 65 -16.69 -21.44 -4.53
CA VAL A 65 -16.91 -21.98 -5.87
C VAL A 65 -18.40 -22.24 -6.09
N ARG A 66 -19.04 -22.87 -5.10
CA ARG A 66 -20.46 -23.16 -5.20
C ARG A 66 -21.29 -21.89 -5.38
N GLN A 67 -20.94 -20.83 -4.63
CA GLN A 67 -21.68 -19.58 -4.74
C GLN A 67 -21.53 -18.95 -6.12
N ILE A 68 -20.31 -18.94 -6.66
CA ILE A 68 -20.14 -18.36 -7.99
C ILE A 68 -20.96 -19.13 -9.01
N GLU A 69 -20.89 -20.46 -8.95
CA GLU A 69 -21.64 -21.29 -9.88
C GLU A 69 -23.14 -21.00 -9.79
N ASN A 70 -23.64 -20.76 -8.58
CA ASN A 70 -25.05 -20.46 -8.35
C ASN A 70 -25.37 -18.98 -8.38
N GLY A 71 -24.41 -18.12 -8.75
CA GLY A 71 -24.68 -16.69 -8.82
C GLY A 71 -25.01 -16.04 -7.50
N GLU A 72 -24.26 -16.37 -6.45
CA GLU A 72 -24.51 -15.81 -5.13
C GLU A 72 -23.27 -15.05 -4.65
N ASN A 73 -23.51 -13.98 -3.88
CA ASN A 73 -22.44 -13.20 -3.27
C ASN A 73 -22.13 -13.63 -1.84
N GLY A 74 -22.89 -14.58 -1.30
CA GLY A 74 -22.74 -15.01 0.07
C GLY A 74 -23.80 -16.06 0.36
N PRO A 75 -23.87 -16.54 1.59
CA PRO A 75 -24.81 -17.64 1.92
C PRO A 75 -26.25 -17.17 1.76
N LYS A 76 -27.00 -17.85 0.90
CA LYS A 76 -28.42 -17.52 0.65
C LYS A 76 -28.58 -16.07 0.19
N MET A 77 -27.57 -15.52 -0.46
CA MET A 77 -27.62 -14.14 -0.93
C MET A 77 -27.37 -14.16 -2.43
N LYS A 78 -28.44 -14.02 -3.21
CA LYS A 78 -28.31 -14.03 -4.66
C LYS A 78 -27.59 -12.78 -5.14
N ALA A 79 -26.66 -12.96 -6.09
CA ALA A 79 -26.03 -11.84 -6.78
C ALA A 79 -26.93 -11.36 -7.92
N LYS A 80 -26.57 -10.22 -8.51
CA LYS A 80 -27.27 -9.78 -9.72
C LYS A 80 -27.18 -10.82 -10.83
N ASN A 81 -26.02 -11.49 -10.94
CA ASN A 81 -25.79 -12.53 -11.94
C ASN A 81 -24.46 -13.19 -11.60
N VAL A 82 -24.11 -14.22 -12.37
CA VAL A 82 -22.88 -14.97 -12.07
C VAL A 82 -21.66 -14.06 -12.19
N GLY A 83 -21.66 -13.14 -13.17
CA GLY A 83 -20.50 -12.28 -13.34
C GLY A 83 -20.23 -11.40 -12.13
N GLU A 84 -21.29 -10.90 -11.50
CA GLU A 84 -21.11 -10.12 -10.28
C GLU A 84 -20.59 -10.99 -9.15
N ALA A 85 -21.11 -12.21 -9.03
CA ALA A 85 -20.59 -13.12 -8.02
C ALA A 85 -19.10 -13.38 -8.27
N ARG A 86 -18.75 -13.66 -9.53
CA ARG A 86 -17.34 -13.84 -9.90
C ARG A 86 -16.50 -12.62 -9.55
N ALA A 87 -17.01 -11.41 -9.84
CA ALA A 87 -16.20 -10.21 -9.61
C ALA A 87 -15.86 -10.01 -8.14
N GLY A 88 -16.82 -10.33 -7.24
CA GLY A 88 -16.55 -10.13 -5.82
C GLY A 88 -15.46 -11.04 -5.32
N ARG A 89 -15.46 -12.29 -5.78
CA ARG A 89 -14.40 -13.22 -5.38
C ARG A 89 -13.07 -12.89 -6.08
N ALA A 90 -13.10 -12.36 -7.30
CA ALA A 90 -11.84 -11.93 -7.92
C ALA A 90 -11.21 -10.79 -7.13
N LEU A 91 -12.04 -9.84 -6.70
CA LEU A 91 -11.56 -8.72 -5.91
C LEU A 91 -10.98 -9.21 -4.58
N GLU A 92 -11.71 -10.07 -3.86
CA GLU A 92 -11.23 -10.64 -2.62
C GLU A 92 -9.88 -11.35 -2.81
N ALA A 93 -9.80 -12.23 -3.81
CA ALA A 93 -8.56 -12.99 -4.01
C ALA A 93 -7.40 -12.05 -4.31
N ALA A 94 -7.62 -11.06 -5.18
CA ALA A 94 -6.56 -10.11 -5.52
C ALA A 94 -6.09 -9.33 -4.30
N GLY A 95 -6.99 -9.02 -3.37
CA GLY A 95 -6.60 -8.20 -2.23
C GLY A 95 -5.46 -8.78 -1.42
N TRP A 96 -5.39 -10.11 -1.33
CA TRP A 96 -4.37 -10.85 -0.58
C TRP A 96 -3.00 -10.89 -1.26
N THR A 97 -2.76 -10.16 -2.35
CA THR A 97 -1.54 -10.34 -3.13
C THR A 97 -0.25 -10.27 -2.29
N LEU A 98 -0.21 -9.37 -1.30
CA LEU A 98 1.02 -9.18 -0.53
C LEU A 98 0.93 -9.82 0.85
N ASP A 99 0.28 -10.97 0.97
CA ASP A 99 0.07 -11.62 2.26
C ASP A 99 0.31 -13.12 2.08
N ILE A 100 1.04 -13.73 3.01
CA ILE A 100 1.37 -15.15 2.94
C ILE A 100 0.41 -15.92 3.84
N ASN A 101 -0.31 -16.88 3.25
CA ASN A 101 -1.08 -17.89 3.99
C ASN A 101 -1.99 -17.27 5.03
N TYR A 102 -2.66 -16.18 4.63
CA TYR A 102 -3.68 -15.54 5.44
C TYR A 102 -3.11 -15.02 6.76
N GLY A 103 -2.32 -13.96 6.64
CA GLY A 103 -1.94 -13.23 7.84
C GLY A 103 -0.47 -12.91 8.02
N ASN A 104 0.42 -13.47 7.18
CA ASN A 104 1.86 -13.25 7.33
C ASN A 104 2.37 -13.63 8.72
N ILE A 105 1.92 -14.77 9.27
CA ILE A 105 2.26 -15.00 10.67
C ILE A 105 3.67 -15.55 10.88
N TYR A 106 4.26 -16.26 9.90
CA TYR A 106 5.58 -16.87 10.15
C TYR A 106 6.64 -15.78 10.36
N PRO A 107 7.26 -15.68 11.53
CA PRO A 107 8.26 -14.62 11.73
C PRO A 107 9.53 -14.89 10.94
N ASN A 108 10.12 -13.82 10.41
CA ASN A 108 11.41 -13.89 9.73
C ASN A 108 11.36 -14.80 8.51
N ARG A 109 10.21 -14.84 7.85
CA ARG A 109 10.03 -15.54 6.57
C ARG A 109 9.35 -14.58 5.61
N PHE A 110 9.66 -14.76 4.33
CA PHE A 110 8.98 -14.06 3.24
C PHE A 110 9.02 -12.55 3.42
N PHE A 111 7.88 -11.92 3.68
CA PHE A 111 7.85 -10.46 3.85
C PHE A 111 8.25 -10.03 5.25
N MET A 112 8.18 -10.93 6.23
CA MET A 112 8.35 -10.57 7.63
C MET A 112 9.80 -10.70 8.08
N LEU A 113 10.78 -10.27 7.28
CA LEU A 113 12.17 -10.48 7.70
C LEU A 113 12.52 -9.62 8.92
N TRP A 114 13.27 -10.22 9.86
CA TRP A 114 13.66 -9.52 11.08
C TRP A 114 14.90 -8.67 10.91
N SER A 115 15.61 -8.85 9.80
CA SER A 115 16.73 -8.02 9.39
C SER A 115 16.48 -7.51 7.98
N GLY A 116 16.93 -6.29 7.70
CA GLY A 116 16.83 -5.80 6.34
C GLY A 116 17.91 -6.25 5.39
N GLU A 117 18.92 -6.98 5.89
CA GLU A 117 20.18 -7.15 5.16
C GLU A 117 19.98 -7.75 3.77
N THR A 118 19.07 -8.73 3.63
CA THR A 118 18.95 -9.41 2.34
C THR A 118 17.95 -8.74 1.40
N MET A 119 17.21 -7.73 1.84
CA MET A 119 16.18 -7.14 0.99
C MET A 119 16.80 -6.43 -0.21
N THR A 120 16.11 -6.51 -1.36
CA THR A 120 16.58 -5.85 -2.58
C THR A 120 16.78 -4.35 -2.36
N ASN A 121 15.88 -3.71 -1.59
CA ASN A 121 16.02 -2.28 -1.31
C ASN A 121 17.27 -2.00 -0.46
N THR A 122 17.51 -2.79 0.58
CA THR A 122 18.71 -2.60 1.40
C THR A 122 19.98 -2.76 0.56
N GLN A 123 20.04 -3.81 -0.27
CA GLN A 123 21.20 -3.99 -1.13
C GLN A 123 21.40 -2.80 -2.08
N LEU A 124 20.33 -2.31 -2.68
CA LEU A 124 20.45 -1.17 -3.61
C LEU A 124 21.03 0.04 -2.92
N TRP A 125 20.65 0.26 -1.66
CA TRP A 125 21.01 1.45 -0.89
C TRP A 125 22.27 1.24 -0.06
N ALA A 126 22.86 0.05 -0.07
CA ALA A 126 24.01 -0.25 0.78
C ALA A 126 25.11 0.81 0.75
N PRO A 127 25.47 1.41 -0.40
CA PRO A 127 26.59 2.38 -0.38
C PRO A 127 26.35 3.59 0.48
N VAL A 128 25.09 3.96 0.76
CA VAL A 128 24.88 5.12 1.62
C VAL A 128 25.13 4.75 3.08
N GLY A 129 25.06 3.46 3.42
CA GLY A 129 25.36 3.03 4.77
C GLY A 129 24.35 3.44 5.83
N LEU A 130 23.09 3.71 5.45
CA LEU A 130 22.13 4.18 6.44
C LEU A 130 21.84 3.10 7.48
N ASP A 131 21.88 1.83 7.10
CA ASP A 131 21.62 0.77 8.06
C ASP A 131 22.84 0.40 8.88
N ARG A 132 24.01 0.96 8.55
CA ARG A 132 25.23 0.70 9.33
C ARG A 132 25.68 1.90 10.16
N ARG A 133 25.25 3.10 9.81
CA ARG A 133 25.66 4.30 10.51
C ARG A 133 24.93 4.40 11.85
N PRO A 134 25.62 4.69 12.95
CA PRO A 134 24.94 4.82 14.25
C PRO A 134 23.87 5.90 14.20
N PRO A 135 22.85 5.82 15.06
CA PRO A 135 21.78 6.82 15.03
C PRO A 135 22.32 8.23 15.20
N ASP A 136 21.80 9.16 14.39
CA ASP A 136 22.06 10.57 14.58
C ASP A 136 21.05 11.24 15.50
N THR A 137 19.96 10.56 15.81
CA THR A 137 18.96 11.07 16.73
C THR A 137 18.68 10.01 17.78
N THR A 138 18.81 10.37 19.05
CA THR A 138 18.45 9.49 20.15
C THR A 138 17.35 10.07 21.02
N ASP A 139 16.95 11.31 20.78
CA ASP A 139 15.90 11.97 21.54
C ASP A 139 14.56 11.32 21.24
N PRO A 140 13.90 10.69 22.23
CA PRO A 140 12.63 10.00 21.95
C PRO A 140 11.54 10.91 21.44
N VAL A 141 11.57 12.20 21.80
CA VAL A 141 10.55 13.13 21.32
C VAL A 141 10.66 13.33 19.81
N GLU A 142 11.87 13.62 19.32
CA GLU A 142 12.04 13.79 17.88
C GLU A 142 11.82 12.47 17.15
N LEU A 143 12.27 11.36 17.73
CA LEU A 143 12.10 10.07 17.07
C LEU A 143 10.62 9.72 16.93
N THR A 144 9.81 10.06 17.94
CA THR A 144 8.39 9.75 17.85
C THR A 144 7.74 10.53 16.72
N ASN A 145 8.07 11.82 16.60
CA ASN A 145 7.54 12.63 15.49
C ASN A 145 7.99 12.07 14.14
N TYR A 146 9.28 11.72 14.04
CA TYR A 146 9.79 11.19 12.77
C TYR A 146 9.12 9.87 12.41
N VAL A 147 9.07 8.94 13.36
CA VAL A 147 8.58 7.61 13.02
C VAL A 147 7.07 7.64 12.75
N LYS A 148 6.33 8.54 13.42
CA LYS A 148 4.90 8.62 13.15
C LYS A 148 4.61 9.26 11.79
N PHE A 149 5.38 10.29 11.43
CA PHE A 149 5.26 10.84 10.07
C PHE A 149 5.49 9.74 9.04
N ALA A 150 6.58 8.98 9.20
CA ALA A 150 6.86 7.87 8.30
C ALA A 150 5.70 6.86 8.30
N ALA A 151 5.13 6.58 9.48
CA ALA A 151 4.04 5.63 9.56
C ALA A 151 2.83 6.08 8.73
N ARG A 152 2.52 7.38 8.75
CA ARG A 152 1.40 7.85 7.94
C ARG A 152 1.72 7.76 6.45
N MET A 153 2.96 8.10 6.07
CA MET A 153 3.39 7.87 4.70
C MET A 153 3.24 6.40 4.31
N ALA A 154 3.45 5.50 5.27
CA ALA A 154 3.45 4.08 4.98
C ALA A 154 2.06 3.47 5.01
N GLY A 155 1.01 4.28 5.15
CA GLY A 155 -0.35 3.79 4.97
C GLY A 155 -1.14 3.60 6.24
N ALA A 156 -0.59 3.97 7.39
CA ALA A 156 -1.35 3.90 8.63
C ALA A 156 -2.38 5.02 8.66
N ASP A 157 -3.63 4.69 9.04
CA ASP A 157 -4.64 5.70 9.31
C ASP A 157 -4.61 6.15 10.76
N LEU A 158 -4.16 5.26 11.66
CA LEU A 158 -3.89 5.55 13.06
C LEU A 158 -2.52 4.98 13.40
N VAL A 159 -1.78 5.65 14.29
CA VAL A 159 -0.52 5.09 14.78
C VAL A 159 -0.35 5.47 16.23
N GLY A 160 0.14 4.54 17.04
CA GLY A 160 0.41 4.83 18.44
C GLY A 160 1.61 4.04 18.90
N VAL A 161 2.18 4.44 20.04
CA VAL A 161 3.37 3.82 20.60
C VAL A 161 3.07 3.32 22.01
N ALA A 162 3.57 2.14 22.35
CA ALA A 162 3.51 1.66 23.73
C ALA A 162 4.83 1.03 24.10
N ARG A 163 5.14 1.02 25.40
CA ARG A 163 6.15 0.07 25.87
C ARG A 163 5.68 -1.34 25.54
N LEU A 164 6.62 -2.21 25.18
CA LEU A 164 6.27 -3.58 24.84
C LEU A 164 5.94 -4.36 26.11
N ASN A 165 4.71 -4.87 26.18
CA ASN A 165 4.29 -5.76 27.26
C ASN A 165 4.46 -7.19 26.76
N ARG A 166 5.43 -7.91 27.33
CA ARG A 166 5.75 -9.25 26.84
C ARG A 166 4.62 -10.23 27.09
N ASN A 167 3.66 -9.90 27.96
CA ASN A 167 2.53 -10.81 28.20
C ASN A 167 1.77 -11.10 26.91
N TRP A 168 1.81 -10.17 25.95
CA TRP A 168 1.05 -10.33 24.72
C TRP A 168 1.89 -10.88 23.58
N VAL A 169 3.19 -11.06 23.78
CA VAL A 169 4.02 -11.72 22.77
C VAL A 169 3.81 -13.23 22.90
N TYR A 170 3.61 -13.90 21.77
CA TYR A 170 3.36 -15.33 21.80
C TYR A 170 4.54 -16.06 22.45
N SER A 171 4.24 -17.06 23.26
CA SER A 171 5.31 -17.86 23.88
C SER A 171 6.06 -18.65 22.83
N GLU A 172 5.34 -19.21 21.87
CA GLU A 172 5.90 -19.88 20.72
C GLU A 172 5.14 -19.40 19.48
N ALA A 173 5.87 -19.17 18.40
CA ALA A 173 5.26 -18.79 17.14
C ALA A 173 4.98 -20.03 16.31
N VAL A 174 4.06 -19.89 15.38
CA VAL A 174 3.89 -20.83 14.28
C VAL A 174 4.75 -20.36 13.12
N THR A 175 5.56 -21.26 12.57
CA THR A 175 6.46 -20.86 11.48
C THR A 175 6.72 -22.10 10.62
N ILE A 176 7.64 -21.96 9.67
CA ILE A 176 8.14 -23.09 8.87
C ILE A 176 9.67 -23.09 8.92
N PRO A 177 10.33 -24.24 8.75
CA PRO A 177 11.78 -24.25 8.70
C PRO A 177 12.29 -23.38 7.56
N ALA A 178 13.52 -22.86 7.75
CA ALA A 178 14.08 -21.90 6.78
C ALA A 178 14.33 -22.52 5.41
N ASP A 179 14.49 -23.84 5.31
CA ASP A 179 14.77 -24.45 4.01
C ASP A 179 13.51 -24.91 3.29
N VAL A 180 12.33 -24.60 3.81
CA VAL A 180 11.06 -25.09 3.24
C VAL A 180 10.56 -24.08 2.22
N PRO A 181 10.32 -24.48 0.97
CA PRO A 181 9.82 -23.55 -0.04
C PRO A 181 8.33 -23.29 0.16
N TYR A 182 7.84 -22.25 -0.53
CA TYR A 182 6.47 -21.79 -0.29
C TYR A 182 5.45 -22.90 -0.54
N GLU A 183 5.58 -23.64 -1.63
CA GLU A 183 4.53 -24.57 -2.02
C GLU A 183 4.31 -25.66 -0.98
N GLN A 184 5.28 -25.92 -0.11
CA GLN A 184 5.14 -26.90 0.96
C GLN A 184 4.83 -26.27 2.31
N SER A 185 4.79 -24.94 2.40
CA SER A 185 4.73 -24.27 3.69
C SER A 185 3.56 -24.77 4.53
N LEU A 186 2.37 -24.86 3.92
CA LEU A 186 1.18 -25.21 4.69
C LEU A 186 1.27 -26.63 5.25
N HIS A 187 2.07 -27.50 4.65
CA HIS A 187 2.25 -28.87 5.10
C HIS A 187 3.37 -29.02 6.12
N LYS A 188 4.22 -28.01 6.29
CA LYS A 188 5.44 -28.14 7.10
C LYS A 188 5.49 -27.16 8.27
N GLU A 189 4.35 -26.64 8.71
CA GLU A 189 4.36 -25.68 9.80
C GLU A 189 4.83 -26.32 11.10
N ILE A 190 5.55 -25.53 11.91
CA ILE A 190 6.14 -25.97 13.17
C ILE A 190 5.94 -24.88 14.21
N GLU A 191 6.26 -25.19 15.47
CA GLU A 191 6.31 -24.18 16.52
C GLU A 191 7.75 -23.83 16.85
N LYS A 192 7.96 -22.60 17.27
CA LYS A 192 9.30 -22.16 17.61
C LYS A 192 9.19 -21.12 18.72
N PRO A 193 9.93 -21.27 19.81
CA PRO A 193 9.83 -20.32 20.92
C PRO A 193 10.29 -18.92 20.52
N ILE A 194 9.59 -17.92 21.06
CA ILE A 194 10.05 -16.53 21.02
C ILE A 194 10.60 -16.19 22.40
N VAL A 195 11.89 -15.86 22.45
CA VAL A 195 12.55 -15.61 23.73
C VAL A 195 13.24 -14.25 23.69
N PHE A 196 13.50 -13.73 24.89
CA PHE A 196 14.17 -12.45 25.05
C PHE A 196 15.53 -12.68 25.71
N LYS A 197 16.60 -12.24 25.06
CA LYS A 197 17.95 -12.51 25.52
C LYS A 197 18.78 -11.25 25.38
N ASP A 198 19.95 -11.24 26.05
CA ASP A 198 20.89 -10.13 25.96
C ASP A 198 21.74 -10.32 24.69
N VAL A 199 21.19 -9.87 23.57
CA VAL A 199 21.86 -9.90 22.27
C VAL A 199 21.69 -8.53 21.63
N PRO A 200 22.57 -8.16 20.69
CA PRO A 200 22.46 -6.82 20.08
C PRO A 200 21.32 -6.67 19.08
N LEU A 201 21.00 -7.71 18.32
CA LEU A 201 20.04 -7.61 17.23
C LEU A 201 19.08 -8.78 17.27
N PRO A 202 17.87 -8.60 16.73
CA PRO A 202 16.97 -9.74 16.55
C PRO A 202 17.63 -10.82 15.71
N ILE A 203 17.56 -12.07 16.17
CA ILE A 203 18.23 -13.17 15.48
C ILE A 203 17.36 -14.42 15.59
N GLU A 204 17.48 -15.29 14.61
CA GLU A 204 16.85 -16.59 14.65
C GLU A 204 17.93 -17.64 14.63
N THR A 205 17.84 -18.60 15.54
CA THR A 205 18.69 -19.77 15.53
C THR A 205 17.85 -20.97 15.11
N ASP A 206 18.48 -22.14 15.04
CA ASP A 206 17.72 -23.33 14.69
C ASP A 206 16.62 -23.62 15.70
N ASP A 207 16.81 -23.21 16.96
CA ASP A 207 15.86 -23.55 18.03
C ASP A 207 14.97 -22.40 18.47
N GLU A 208 15.39 -21.13 18.32
CA GLU A 208 14.67 -20.02 18.95
C GLU A 208 14.60 -18.80 18.02
N LEU A 209 13.51 -18.05 18.17
CA LEU A 209 13.42 -16.68 17.69
C LEU A 209 13.80 -15.76 18.83
N ILE A 210 14.86 -14.98 18.68
CA ILE A 210 15.42 -14.23 19.80
C ILE A 210 15.20 -12.75 19.60
N ILE A 211 14.40 -12.15 20.48
CA ILE A 211 14.19 -10.71 20.52
C ILE A 211 15.13 -10.13 21.57
N PRO A 212 15.88 -9.06 21.26
CA PRO A 212 16.78 -8.49 22.26
C PRO A 212 16.02 -7.91 23.44
N ASN A 213 16.64 -8.01 24.62
CA ASN A 213 16.11 -7.33 25.80
C ASN A 213 16.03 -5.82 25.63
N THR A 214 16.80 -5.26 24.69
CA THR A 214 16.68 -3.84 24.38
C THR A 214 15.41 -3.50 23.60
N CYS A 215 14.58 -4.47 23.22
CA CYS A 215 13.42 -4.19 22.38
C CYS A 215 12.31 -3.59 23.25
N GLU A 216 12.40 -2.28 23.45
CA GLU A 216 11.62 -1.60 24.46
C GLU A 216 10.18 -1.29 24.01
N ASN A 217 9.96 -1.04 22.73
CA ASN A 217 8.76 -0.36 22.28
C ASN A 217 8.04 -1.14 21.18
N VAL A 218 6.74 -0.86 21.06
CA VAL A 218 5.95 -1.39 19.96
C VAL A 218 5.17 -0.23 19.34
N ILE A 219 5.21 -0.16 18.02
CA ILE A 219 4.47 0.85 17.25
C ILE A 219 3.29 0.12 16.63
N VAL A 220 2.07 0.60 16.88
CA VAL A 220 0.86 -0.06 16.43
C VAL A 220 0.19 0.81 15.39
N ALA A 221 -0.19 0.21 14.26
CA ALA A 221 -0.87 0.92 13.19
C ALA A 221 -2.29 0.42 13.03
N GLY A 222 -3.22 1.34 12.79
CA GLY A 222 -4.57 1.00 12.37
C GLY A 222 -4.71 1.28 10.89
N ILE A 223 -5.26 0.30 10.17
CA ILE A 223 -5.43 0.31 8.70
C ILE A 223 -6.92 0.26 8.41
N ALA A 224 -7.52 1.40 8.04
CA ALA A 224 -8.98 1.48 8.02
C ALA A 224 -9.58 0.69 6.86
N MET A 225 -10.61 -0.10 7.16
CA MET A 225 -11.37 -0.80 6.12
C MET A 225 -12.48 0.10 5.58
N ASN A 226 -13.12 -0.37 4.52
CA ASN A 226 -14.15 0.42 3.85
C ASN A 226 -15.53 0.11 4.43
N ARG A 227 -16.24 1.17 4.85
CA ARG A 227 -17.50 1.00 5.56
C ARG A 227 -18.55 0.31 4.69
N GLU A 228 -18.72 0.79 3.45
CA GLU A 228 -19.75 0.24 2.58
C GLU A 228 -19.52 -1.24 2.31
N MET A 229 -18.27 -1.62 2.09
CA MET A 229 -17.98 -3.01 1.80
C MET A 229 -18.14 -3.89 3.05
N MET A 230 -17.70 -3.41 4.21
CA MET A 230 -17.86 -4.23 5.42
C MET A 230 -19.33 -4.42 5.75
N GLN A 231 -20.18 -3.45 5.44
N GLN A 231 -20.17 -3.45 5.42
CA GLN A 231 -21.59 -3.60 5.76
CA GLN A 231 -21.60 -3.57 5.72
C GLN A 231 -22.27 -4.69 4.95
C GLN A 231 -22.30 -4.62 4.88
N THR A 232 -21.58 -5.26 3.95
CA THR A 232 -22.10 -6.41 3.24
C THR A 232 -21.76 -7.72 3.93
N ALA A 233 -21.09 -7.68 5.09
CA ALA A 233 -20.78 -8.90 5.82
C ALA A 233 -22.06 -9.70 5.99
N PRO A 234 -21.98 -11.03 5.85
CA PRO A 234 -20.81 -11.90 5.66
C PRO A 234 -20.45 -12.18 4.21
N ASN A 235 -20.89 -11.30 3.31
CA ASN A 235 -20.80 -11.56 1.88
C ASN A 235 -19.44 -11.11 1.30
N SER A 236 -19.29 -11.27 -0.01
CA SER A 236 -17.95 -11.25 -0.60
C SER A 236 -17.28 -9.88 -0.49
N MET A 237 -18.04 -8.79 -0.58
CA MET A 237 -17.35 -7.50 -0.57
C MET A 237 -16.73 -7.19 0.79
N ALA A 238 -17.31 -7.72 1.88
CA ALA A 238 -16.64 -7.58 3.17
C ALA A 238 -15.32 -8.35 3.18
N CYS A 239 -15.28 -9.50 2.49
CA CYS A 239 -14.03 -10.24 2.36
C CYS A 239 -12.99 -9.45 1.59
N ALA A 240 -13.42 -8.66 0.60
CA ALA A 240 -12.47 -7.93 -0.23
C ALA A 240 -11.82 -6.79 0.54
N THR A 241 -12.59 -6.02 1.33
CA THR A 241 -11.93 -4.96 2.08
C THR A 241 -11.01 -5.53 3.17
N THR A 242 -11.38 -6.66 3.79
CA THR A 242 -10.47 -7.37 4.67
C THR A 242 -9.15 -7.70 3.96
N ALA A 243 -9.27 -8.35 2.79
CA ALA A 243 -8.10 -8.82 2.06
C ALA A 243 -7.16 -7.69 1.66
N PHE A 244 -7.71 -6.64 1.00
CA PHE A 244 -6.87 -5.50 0.60
C PHE A 244 -6.14 -4.90 1.80
N CYS A 245 -6.77 -4.88 2.98
CA CYS A 245 -6.11 -4.26 4.11
C CYS A 245 -4.98 -5.13 4.66
N TYR A 246 -5.06 -6.45 4.49
CA TYR A 246 -3.92 -7.29 4.85
C TYR A 246 -2.71 -6.95 4.01
N SER A 247 -2.90 -6.66 2.71
CA SER A 247 -1.74 -6.29 1.91
C SER A 247 -1.24 -4.90 2.30
N ARG A 248 -2.14 -3.98 2.68
CA ARG A 248 -1.70 -2.68 3.18
C ARG A 248 -0.88 -2.85 4.46
N MET A 249 -1.30 -3.76 5.34
CA MET A 249 -0.55 -4.04 6.56
C MET A 249 0.87 -4.45 6.24
N CYS A 250 1.01 -5.38 5.28
CA CYS A 250 2.33 -5.88 4.91
C CYS A 250 3.23 -4.76 4.43
N MET A 251 2.72 -3.91 3.52
N MET A 251 2.72 -3.93 3.50
CA MET A 251 3.54 -2.82 3.01
CA MET A 251 3.49 -2.79 3.00
C MET A 251 3.88 -1.82 4.10
C MET A 251 3.89 -1.87 4.14
N PHE A 252 2.97 -1.61 5.07
CA PHE A 252 3.27 -0.74 6.20
C PHE A 252 4.46 -1.28 6.99
N ASP A 253 4.40 -2.55 7.39
CA ASP A 253 5.46 -3.17 8.18
C ASP A 253 6.81 -3.02 7.49
N MET A 254 6.87 -3.33 6.19
CA MET A 254 8.15 -3.33 5.50
C MET A 254 8.67 -1.90 5.35
N TRP A 255 7.80 -0.99 4.91
CA TRP A 255 8.16 0.41 4.83
C TRP A 255 8.71 0.92 6.16
N LEU A 256 7.95 0.70 7.24
CA LEU A 256 8.34 1.28 8.52
C LEU A 256 9.60 0.61 9.08
N CYS A 257 9.73 -0.71 8.95
CA CYS A 257 10.94 -1.36 9.43
C CYS A 257 12.16 -0.81 8.71
N GLN A 258 12.03 -0.57 7.39
CA GLN A 258 13.14 -0.04 6.63
C GLN A 258 13.50 1.38 7.07
N PHE A 259 12.49 2.23 7.31
CA PHE A 259 12.77 3.55 7.87
C PHE A 259 13.53 3.44 9.19
N ILE A 260 13.04 2.60 10.11
CA ILE A 260 13.67 2.48 11.42
C ILE A 260 15.10 1.99 11.30
N ARG A 261 15.33 0.99 10.45
CA ARG A 261 16.68 0.49 10.23
C ARG A 261 17.59 1.57 9.65
N TYR A 262 17.09 2.33 8.68
CA TYR A 262 17.87 3.40 8.07
C TYR A 262 18.07 4.59 9.00
N MET A 263 17.36 4.63 10.12
CA MET A 263 17.61 5.59 11.20
C MET A 263 18.66 5.09 12.19
N GLY A 264 19.08 3.84 12.05
CA GLY A 264 20.14 3.28 12.89
C GLY A 264 19.67 2.39 14.02
N TYR A 265 18.42 1.94 13.99
CA TYR A 265 17.86 1.04 14.99
C TYR A 265 17.45 -0.27 14.30
N TYR A 266 17.03 -1.26 15.08
CA TYR A 266 16.48 -2.46 14.48
C TYR A 266 14.95 -2.45 14.58
N ALA A 267 14.31 -3.30 13.79
CA ALA A 267 12.86 -3.31 13.71
C ALA A 267 12.39 -4.71 13.33
N ILE A 268 11.35 -5.19 14.02
CA ILE A 268 10.75 -6.50 13.77
C ILE A 268 9.33 -6.28 13.24
N PRO A 269 9.04 -6.70 12.01
CA PRO A 269 7.66 -6.64 11.50
C PRO A 269 6.83 -7.78 12.09
N SER A 270 5.52 -7.73 11.84
CA SER A 270 4.74 -8.86 12.35
C SER A 270 3.39 -9.14 11.68
N CYS A 271 2.65 -8.12 11.21
CA CYS A 271 1.28 -8.35 10.73
C CYS A 271 0.49 -9.17 11.76
N ASN A 272 -0.04 -10.34 11.40
CA ASN A 272 -0.81 -11.14 12.36
C ASN A 272 0.04 -12.04 13.24
N GLY A 273 1.38 -12.06 13.07
CA GLY A 273 2.23 -12.89 13.88
C GLY A 273 2.76 -12.20 15.12
N VAL A 274 3.62 -12.93 15.84
CA VAL A 274 4.49 -12.47 16.93
C VAL A 274 3.74 -12.20 18.24
N GLY A 275 2.62 -11.48 18.19
CA GLY A 275 1.88 -11.20 19.40
C GLY A 275 0.48 -10.71 19.12
N GLN A 276 -0.26 -10.44 20.20
CA GLN A 276 -1.70 -10.18 20.11
C GLN A 276 -1.96 -8.69 19.85
N SER A 277 -2.39 -8.38 18.62
CA SER A 277 -2.48 -6.98 18.18
C SER A 277 -3.49 -6.16 19.00
N VAL A 278 -4.58 -6.77 19.44
CA VAL A 278 -5.60 -6.00 20.14
C VAL A 278 -5.05 -5.45 21.45
N ALA A 279 -4.28 -6.27 22.17
CA ALA A 279 -3.72 -5.81 23.44
C ALA A 279 -2.71 -4.69 23.21
N PHE A 280 -1.82 -4.85 22.21
CA PHE A 280 -0.88 -3.78 21.92
C PHE A 280 -1.59 -2.49 21.55
N ALA A 281 -2.65 -2.60 20.74
CA ALA A 281 -3.41 -1.43 20.30
C ALA A 281 -4.06 -0.72 21.49
N VAL A 282 -4.63 -1.47 22.43
CA VAL A 282 -5.19 -0.84 23.62
C VAL A 282 -4.10 -0.12 24.42
N GLU A 283 -2.95 -0.77 24.60
CA GLU A 283 -1.90 -0.16 25.39
C GLU A 283 -1.29 1.05 24.71
N ALA A 284 -1.31 1.08 23.37
CA ALA A 284 -0.81 2.21 22.60
C ALA A 284 -1.84 3.30 22.39
N GLY A 285 -3.05 3.15 22.95
CA GLY A 285 -4.05 4.19 22.90
C GLY A 285 -4.84 4.32 21.62
N LEU A 286 -4.79 3.31 20.73
CA LEU A 286 -5.62 3.41 19.52
C LEU A 286 -7.10 3.31 19.87
N GLY A 287 -7.45 2.55 20.90
CA GLY A 287 -8.84 2.33 21.21
C GLY A 287 -8.99 1.49 22.45
N GLN A 288 -10.19 0.96 22.65
CA GLN A 288 -10.47 0.10 23.79
C GLN A 288 -10.93 -1.27 23.32
N ALA A 289 -10.68 -2.28 24.15
CA ALA A 289 -11.22 -3.61 23.89
C ALA A 289 -12.73 -3.61 24.03
N SER A 290 -13.38 -4.61 23.43
CA SER A 290 -14.83 -4.61 23.26
C SER A 290 -15.41 -6.00 23.51
N ARG A 291 -16.74 -6.07 23.54
CA ARG A 291 -17.40 -7.37 23.72
C ARG A 291 -16.97 -8.34 22.63
N MET A 292 -16.99 -7.90 21.37
CA MET A 292 -16.64 -8.83 20.30
C MET A 292 -15.18 -9.27 20.40
N GLY A 293 -14.32 -8.49 21.06
CA GLY A 293 -12.92 -8.80 21.23
C GLY A 293 -11.98 -7.91 20.45
N ALA A 294 -12.49 -7.07 19.57
CA ALA A 294 -11.65 -6.20 18.77
C ALA A 294 -11.34 -4.90 19.51
N CYS A 295 -10.34 -4.20 19.03
CA CYS A 295 -10.07 -2.84 19.47
C CYS A 295 -11.02 -1.89 18.76
N ILE A 296 -11.85 -1.18 19.52
CA ILE A 296 -12.77 -0.19 18.96
C ILE A 296 -12.11 1.19 19.07
N THR A 297 -11.98 1.90 17.91
CA THR A 297 -11.36 3.20 17.82
C THR A 297 -12.42 4.28 17.71
N PRO A 298 -12.12 5.50 18.15
CA PRO A 298 -13.09 6.59 17.96
C PRO A 298 -13.37 6.88 16.49
N GLU A 299 -12.38 6.72 15.62
CA GLU A 299 -12.53 7.13 14.22
C GLU A 299 -13.25 6.10 13.37
N PHE A 300 -13.01 4.81 13.63
CA PHE A 300 -13.49 3.72 12.77
C PHE A 300 -14.30 2.67 13.50
N GLY A 301 -14.49 2.82 14.81
CA GLY A 301 -14.99 1.72 15.61
C GLY A 301 -14.04 0.54 15.43
N PRO A 302 -14.59 -0.68 15.37
CA PRO A 302 -13.74 -1.86 15.14
C PRO A 302 -13.42 -2.10 13.67
N ASN A 303 -13.88 -1.25 12.76
CA ASN A 303 -13.74 -1.49 11.32
C ASN A 303 -12.38 -0.99 10.82
N VAL A 304 -11.34 -1.57 11.42
CA VAL A 304 -9.97 -1.14 11.17
C VAL A 304 -9.07 -2.35 11.46
N ARG A 305 -8.11 -2.62 10.59
CA ARG A 305 -7.13 -3.67 10.85
C ARG A 305 -5.94 -3.12 11.62
N LEU A 306 -5.21 -4.03 12.26
CA LEU A 306 -4.06 -3.67 13.08
C LEU A 306 -2.82 -4.38 12.61
N THR A 307 -1.68 -3.70 12.64
CA THR A 307 -0.40 -4.37 12.56
C THR A 307 0.52 -3.67 13.53
N LYS A 308 1.73 -4.21 13.71
CA LYS A 308 2.63 -3.62 14.71
C LYS A 308 4.07 -3.97 14.39
N VAL A 309 4.97 -3.10 14.84
CA VAL A 309 6.41 -3.22 14.62
C VAL A 309 7.09 -3.03 15.97
N PHE A 310 8.08 -3.88 16.27
CA PHE A 310 8.81 -3.86 17.54
C PHE A 310 10.19 -3.26 17.34
N THR A 311 10.65 -2.41 18.27
CA THR A 311 11.91 -1.71 18.00
C THR A 311 12.58 -1.23 19.29
N ASN A 312 13.90 -1.09 19.22
CA ASN A 312 14.67 -0.45 20.29
C ASN A 312 14.77 1.07 20.12
N MET A 313 14.24 1.63 19.03
CA MET A 313 14.19 3.08 18.85
C MET A 313 13.57 3.74 20.08
N PRO A 314 14.27 4.66 20.76
CA PRO A 314 13.63 5.40 21.85
C PRO A 314 12.42 6.16 21.34
N LEU A 315 11.31 6.08 22.09
CA LEU A 315 10.05 6.70 21.69
C LEU A 315 9.32 7.14 22.95
N VAL A 316 8.33 8.00 22.76
CA VAL A 316 7.46 8.46 23.85
C VAL A 316 6.17 7.64 23.77
N PRO A 317 5.87 6.82 24.77
CA PRO A 317 4.60 6.08 24.74
C PRO A 317 3.41 7.02 24.74
N ASP A 318 2.37 6.63 23.99
CA ASP A 318 1.11 7.35 24.01
C ASP A 318 0.31 6.97 25.24
N LYS A 319 -0.66 7.81 25.57
CA LYS A 319 -1.55 7.50 26.68
C LYS A 319 -2.71 6.61 26.22
N PRO A 320 -3.15 5.68 27.07
CA PRO A 320 -4.36 4.94 26.76
C PRO A 320 -5.56 5.88 26.68
N ILE A 321 -6.64 5.40 26.10
CA ILE A 321 -7.85 6.19 25.94
C ILE A 321 -9.03 5.44 26.54
N ASP A 322 -9.95 6.18 27.16
CA ASP A 322 -11.17 5.59 27.69
C ASP A 322 -12.32 6.48 27.25
N PHE A 323 -13.03 6.09 26.19
CA PHE A 323 -14.18 6.87 25.75
C PHE A 323 -15.49 6.15 26.01
N GLY A 324 -15.51 5.25 26.99
CA GLY A 324 -16.74 4.64 27.44
C GLY A 324 -17.12 3.35 26.76
N VAL A 325 -16.21 2.73 25.98
CA VAL A 325 -16.57 1.52 25.24
C VAL A 325 -17.04 0.42 26.19
N THR A 326 -16.28 0.18 27.27
CA THR A 326 -16.64 -0.91 28.18
C THR A 326 -18.08 -0.78 28.65
N GLU A 327 -18.49 0.43 29.01
CA GLU A 327 -19.84 0.63 29.53
C GLU A 327 -20.89 0.48 28.44
N PHE A 328 -20.59 0.91 27.21
CA PHE A 328 -21.53 0.67 26.12
C PHE A 328 -21.64 -0.81 25.80
N CYS A 329 -20.50 -1.52 25.76
CA CYS A 329 -20.54 -2.96 25.49
C CYS A 329 -21.30 -3.71 26.59
N GLU A 330 -21.26 -3.21 27.83
N GLU A 330 -21.27 -3.20 27.82
CA GLU A 330 -21.98 -3.89 28.90
CA GLU A 330 -21.97 -3.85 28.93
C GLU A 330 -23.48 -3.94 28.63
C GLU A 330 -23.47 -3.91 28.66
N THR A 331 -24.03 -2.91 27.99
CA THR A 331 -25.47 -2.85 27.75
C THR A 331 -25.88 -3.06 26.30
N CYS A 332 -24.94 -3.12 25.35
CA CYS A 332 -25.32 -3.14 23.94
C CYS A 332 -25.66 -4.54 23.45
N LYS A 333 -24.66 -5.42 23.37
CA LYS A 333 -24.80 -6.83 22.95
C LYS A 333 -25.31 -7.02 21.52
N LYS A 334 -25.23 -5.99 20.66
CA LYS A 334 -25.70 -6.16 19.29
C LYS A 334 -24.89 -7.22 18.54
N CYS A 335 -23.57 -7.18 18.69
CA CYS A 335 -22.75 -8.17 18.00
C CYS A 335 -23.10 -9.58 18.46
N ALA A 336 -23.31 -9.76 19.76
CA ALA A 336 -23.67 -11.08 20.28
C ALA A 336 -24.99 -11.57 19.71
N ARG A 337 -25.97 -10.66 19.55
CA ARG A 337 -27.27 -11.09 19.07
C ARG A 337 -27.27 -11.41 17.58
N GLU A 338 -26.46 -10.70 16.81
CA GLU A 338 -26.40 -10.86 15.37
C GLU A 338 -25.39 -11.90 14.91
N CYS A 339 -24.47 -12.33 15.76
CA CYS A 339 -23.44 -13.28 15.37
C CYS A 339 -24.07 -14.56 14.83
N PRO A 340 -23.79 -14.96 13.58
CA PRO A 340 -24.47 -16.14 13.01
C PRO A 340 -24.08 -17.45 13.69
N SER A 341 -22.99 -17.49 14.45
CA SER A 341 -22.57 -18.71 15.11
C SER A 341 -22.74 -18.66 16.63
N LYS A 342 -23.33 -17.57 17.17
CA LYS A 342 -23.46 -17.38 18.61
C LYS A 342 -22.11 -17.53 19.31
N ALA A 343 -21.05 -16.98 18.69
CA ALA A 343 -19.72 -17.11 19.27
C ALA A 343 -19.45 -16.11 20.37
N ILE A 344 -20.15 -14.98 20.37
CA ILE A 344 -19.85 -13.89 21.28
C ILE A 344 -20.73 -13.99 22.51
N THR A 345 -20.10 -13.89 23.67
CA THR A 345 -20.87 -14.04 24.91
C THR A 345 -21.75 -12.82 25.16
N GLU A 346 -22.90 -13.06 25.79
CA GLU A 346 -23.75 -12.00 26.30
C GLU A 346 -23.53 -11.76 27.79
N GLY A 347 -22.60 -12.48 28.40
CA GLY A 347 -22.35 -12.40 29.81
C GLY A 347 -21.28 -11.39 30.17
N PRO A 348 -20.92 -11.35 31.45
CA PRO A 348 -19.91 -10.40 31.92
C PRO A 348 -18.50 -10.84 31.57
N ARG A 349 -17.56 -9.92 31.74
CA ARG A 349 -16.15 -10.25 31.57
C ARG A 349 -15.68 -11.15 32.70
N THR A 350 -14.73 -12.03 32.39
CA THR A 350 -14.08 -12.87 33.39
C THR A 350 -12.59 -12.95 33.08
N PHE A 351 -11.83 -13.54 34.01
CA PHE A 351 -10.43 -13.85 33.79
C PHE A 351 -10.20 -15.28 33.28
N GLU A 352 -11.26 -16.05 33.05
CA GLU A 352 -11.11 -17.46 32.72
C GLU A 352 -11.49 -17.74 31.27
N GLY A 353 -10.55 -18.28 30.50
CA GLY A 353 -10.82 -18.55 29.11
C GLY A 353 -11.98 -19.51 28.94
N ARG A 354 -12.72 -19.28 27.85
CA ARG A 354 -13.82 -20.19 27.50
C ARG A 354 -13.30 -21.51 26.98
N SER A 355 -12.18 -21.50 26.28
CA SER A 355 -11.58 -22.69 25.69
C SER A 355 -10.11 -22.41 25.44
N ILE A 356 -9.44 -23.40 24.84
CA ILE A 356 -8.00 -23.32 24.56
C ILE A 356 -7.66 -22.06 23.76
N HIS A 357 -8.61 -21.53 22.96
CA HIS A 357 -8.30 -20.40 22.09
C HIS A 357 -8.15 -19.08 22.84
N ASN A 358 -8.63 -18.99 24.08
CA ASN A 358 -8.53 -17.76 24.87
C ASN A 358 -7.33 -17.82 25.80
N GLN A 359 -6.68 -16.68 25.99
CA GLN A 359 -5.62 -16.54 26.99
C GLN A 359 -6.26 -16.17 28.32
N SER A 360 -6.22 -17.08 29.30
CA SER A 360 -6.73 -16.81 30.64
C SER A 360 -5.84 -15.83 31.39
N GLY A 361 -6.40 -15.23 32.44
CA GLY A 361 -5.66 -14.32 33.28
C GLY A 361 -5.74 -12.86 32.91
N LYS A 362 -6.61 -12.48 31.98
CA LYS A 362 -6.84 -11.07 31.67
C LYS A 362 -8.33 -10.85 31.57
N LEU A 363 -8.80 -9.73 32.15
CA LEU A 363 -10.23 -9.49 32.19
C LEU A 363 -10.73 -9.06 30.82
N GLN A 364 -11.60 -9.88 30.23
CA GLN A 364 -12.11 -9.62 28.89
C GLN A 364 -13.42 -10.36 28.74
N TRP A 365 -14.16 -10.02 27.69
CA TRP A 365 -15.30 -10.85 27.30
C TRP A 365 -14.75 -12.09 26.58
N GLN A 366 -15.13 -13.27 27.08
CA GLN A 366 -14.57 -14.55 26.64
C GLN A 366 -15.48 -15.15 25.57
N ASN A 367 -15.00 -15.17 24.32
CA ASN A 367 -15.79 -15.64 23.21
C ASN A 367 -15.31 -17.00 22.74
N ASP A 368 -16.22 -17.76 22.10
CA ASP A 368 -15.88 -19.09 21.59
C ASP A 368 -15.44 -18.96 20.14
N TYR A 369 -14.13 -18.93 19.92
CA TYR A 369 -13.63 -18.64 18.58
C TYR A 369 -13.63 -19.86 17.67
N ASN A 370 -13.88 -21.06 18.22
CA ASN A 370 -14.10 -22.20 17.34
C ASN A 370 -15.46 -22.09 16.66
N LYS A 371 -16.46 -21.57 17.38
CA LYS A 371 -17.76 -21.32 16.78
C LYS A 371 -17.67 -20.28 15.68
N CYS A 372 -16.94 -19.18 15.92
CA CYS A 372 -16.71 -18.18 14.88
C CYS A 372 -16.12 -18.82 13.63
N LEU A 373 -14.97 -19.50 13.78
CA LEU A 373 -14.30 -20.07 12.62
C LEU A 373 -15.20 -21.05 11.88
N GLY A 374 -16.07 -21.77 12.62
CA GLY A 374 -16.99 -22.71 11.97
C GLY A 374 -17.93 -22.08 10.97
N TYR A 375 -18.28 -20.81 11.17
CA TYR A 375 -19.15 -20.12 10.22
C TYR A 375 -18.42 -19.68 8.95
N TRP A 376 -17.07 -19.65 8.96
CA TRP A 376 -16.36 -19.17 7.76
C TRP A 376 -16.52 -20.14 6.59
N PRO A 377 -16.29 -21.47 6.74
CA PRO A 377 -16.62 -22.37 5.62
C PRO A 377 -18.08 -22.34 5.25
N GLU A 378 -18.95 -22.20 6.24
CA GLU A 378 -20.39 -22.19 5.96
C GLU A 378 -20.76 -21.00 5.08
N SER A 379 -20.15 -19.84 5.33
CA SER A 379 -20.49 -18.64 4.58
C SER A 379 -19.53 -18.38 3.43
N GLY A 380 -18.41 -19.10 3.36
CA GLY A 380 -17.45 -18.91 2.29
C GLY A 380 -16.66 -17.61 2.37
N GLY A 381 -16.44 -17.10 3.56
CA GLY A 381 -15.73 -15.84 3.72
C GLY A 381 -15.12 -15.71 5.10
N TYR A 382 -14.91 -14.45 5.53
CA TYR A 382 -14.33 -14.13 6.83
C TYR A 382 -15.36 -13.44 7.70
N CYS A 383 -16.64 -13.67 7.42
CA CYS A 383 -17.78 -13.07 8.11
C CYS A 383 -17.59 -11.57 8.36
N GLY A 384 -17.42 -11.15 9.61
CA GLY A 384 -17.38 -9.73 9.94
C GLY A 384 -18.71 -9.13 10.34
N VAL A 385 -19.74 -9.94 10.53
CA VAL A 385 -21.06 -9.38 10.88
C VAL A 385 -20.96 -8.57 12.17
N CYS A 386 -20.17 -9.02 13.15
CA CYS A 386 -19.99 -8.26 14.39
C CYS A 386 -19.47 -6.85 14.12
N VAL A 387 -18.44 -6.73 13.28
CA VAL A 387 -17.88 -5.41 12.95
C VAL A 387 -18.94 -4.57 12.25
N ALA A 388 -19.67 -5.18 11.32
CA ALA A 388 -20.64 -4.46 10.51
C ALA A 388 -21.78 -3.90 11.35
N VAL A 389 -22.27 -4.66 12.34
CA VAL A 389 -23.44 -4.20 13.11
C VAL A 389 -23.04 -3.35 14.31
N CYS A 390 -21.77 -3.27 14.66
CA CYS A 390 -21.37 -2.52 15.84
C CYS A 390 -21.71 -1.04 15.64
N PRO A 391 -22.45 -0.40 16.55
CA PRO A 391 -22.74 1.02 16.36
C PRO A 391 -21.51 1.88 16.18
N PHE A 392 -20.36 1.52 16.75
CA PHE A 392 -19.17 2.33 16.60
C PHE A 392 -18.62 2.30 15.17
N THR A 393 -19.00 1.30 14.37
CA THR A 393 -18.62 1.27 12.96
C THR A 393 -19.35 2.33 12.14
N LYS A 394 -20.50 2.82 12.61
CA LYS A 394 -21.19 3.92 11.94
C LYS A 394 -20.33 5.17 11.91
N GLY A 395 -20.42 5.93 10.82
CA GLY A 395 -19.54 7.08 10.68
C GLY A 395 -19.90 8.32 11.51
N ASN A 396 -21.08 8.36 12.12
CA ASN A 396 -21.62 9.60 12.69
C ASN A 396 -22.02 9.41 14.16
N ILE A 397 -21.14 8.87 14.99
CA ILE A 397 -21.54 8.56 16.35
C ILE A 397 -21.29 9.75 17.30
N TRP A 398 -20.43 10.69 16.91
CA TRP A 398 -19.92 11.71 17.82
C TRP A 398 -20.75 12.98 17.72
N ILE A 399 -21.16 13.51 18.87
CA ILE A 399 -21.80 14.81 18.91
C ILE A 399 -21.16 15.64 20.01
N HIS A 400 -21.32 16.96 19.88
CA HIS A 400 -20.79 17.91 20.83
C HIS A 400 -21.96 18.64 21.45
N ASP A 401 -21.96 18.76 22.77
CA ASP A 401 -23.12 19.34 23.46
C ASP A 401 -22.90 20.80 23.81
N GLY A 402 -21.88 21.44 23.25
CA GLY A 402 -21.51 22.80 23.61
C GLY A 402 -20.41 22.89 24.65
N VAL A 403 -20.22 21.83 25.43
CA VAL A 403 -19.13 21.74 26.39
C VAL A 403 -18.12 20.68 26.00
N GLU A 404 -18.59 19.49 25.60
CA GLU A 404 -17.67 18.39 25.35
C GLU A 404 -18.26 17.42 24.34
N TRP A 405 -17.42 16.47 23.91
CA TRP A 405 -17.84 15.42 22.99
C TRP A 405 -18.49 14.27 23.75
N LEU A 406 -19.46 13.63 23.10
CA LEU A 406 -20.15 12.48 23.67
C LEU A 406 -20.61 11.57 22.56
N ILE A 407 -20.92 10.33 22.94
N ILE A 407 -20.89 10.32 22.93
CA ILE A 407 -21.48 9.33 22.03
CA ILE A 407 -21.48 9.33 22.05
C ILE A 407 -22.99 9.48 22.00
C ILE A 407 -22.99 9.53 22.00
N ASP A 408 -23.56 9.47 20.80
CA ASP A 408 -25.01 9.57 20.61
C ASP A 408 -25.67 8.24 20.97
N ASN A 409 -26.39 8.18 22.09
CA ASN A 409 -26.99 6.91 22.53
C ASN A 409 -28.04 6.39 21.55
N THR A 410 -28.54 7.24 20.64
CA THR A 410 -29.59 6.78 19.75
C THR A 410 -29.09 5.72 18.78
N ARG A 411 -27.78 5.65 18.54
CA ARG A 411 -27.19 4.65 17.65
C ARG A 411 -27.16 3.25 18.26
N PHE A 412 -27.43 3.12 19.55
CA PHE A 412 -27.41 1.81 20.20
C PHE A 412 -28.82 1.27 20.46
N LEU A 413 -29.85 1.96 20.00
CA LEU A 413 -31.22 1.52 20.18
C LEU A 413 -31.55 0.32 19.29
N ASN A 431 -27.23 -3.36 -1.04
CA ASN A 431 -26.82 -4.62 -1.65
C ASN A 431 -25.49 -4.47 -2.36
N ILE A 432 -24.95 -5.60 -2.84
CA ILE A 432 -23.60 -5.58 -3.39
C ILE A 432 -23.54 -4.91 -4.76
N THR A 433 -24.59 -5.01 -5.58
CA THR A 433 -24.61 -4.23 -6.81
C THR A 433 -24.47 -2.74 -6.54
N GLU A 434 -25.19 -2.23 -5.52
CA GLU A 434 -25.11 -0.80 -5.19
C GLU A 434 -23.74 -0.41 -4.66
N VAL A 435 -23.04 -1.34 -4.03
CA VAL A 435 -21.65 -1.07 -3.62
C VAL A 435 -20.76 -0.94 -4.85
N TRP A 436 -20.85 -1.88 -5.79
CA TRP A 436 -20.02 -1.82 -7.00
C TRP A 436 -20.33 -0.58 -7.82
N ASP A 437 -21.57 -0.10 -7.77
CA ASP A 437 -21.97 1.08 -8.52
C ASP A 437 -21.88 2.36 -7.69
N GLY A 438 -21.47 2.28 -6.42
CA GLY A 438 -21.55 3.38 -5.51
C GLY A 438 -20.22 4.06 -5.25
N LYS A 439 -20.15 4.74 -4.10
CA LYS A 439 -19.01 5.58 -3.75
C LYS A 439 -17.75 4.77 -3.49
N ILE A 440 -16.62 5.25 -4.01
CA ILE A 440 -15.31 4.69 -3.69
C ILE A 440 -14.29 5.80 -3.85
N ASN A 441 -13.12 5.60 -3.23
CA ASN A 441 -12.02 6.56 -3.32
C ASN A 441 -10.76 5.78 -3.02
N THR A 442 -9.62 6.47 -3.07
CA THR A 442 -8.34 5.78 -3.06
C THR A 442 -8.20 4.92 -1.81
N TYR A 443 -7.81 3.66 -2.01
CA TYR A 443 -7.65 2.66 -0.94
C TYR A 443 -8.95 2.41 -0.19
N GLY A 444 -10.09 2.75 -0.78
CA GLY A 444 -11.35 2.60 -0.11
C GLY A 444 -11.58 3.58 1.03
N LEU A 445 -10.70 4.57 1.20
CA LEU A 445 -10.90 5.61 2.21
C LEU A 445 -12.06 6.53 1.81
N ASP A 446 -12.63 7.22 2.81
CA ASP A 446 -13.83 8.02 2.62
C ASP A 446 -13.51 9.48 2.87
N ALA A 447 -13.58 10.29 1.81
CA ALA A 447 -13.27 11.71 1.94
C ALA A 447 -14.21 12.43 2.89
N ASP A 448 -15.41 11.90 3.13
CA ASP A 448 -16.31 12.52 4.11
C ASP A 448 -15.76 12.47 5.53
N HIS A 449 -14.81 11.59 5.81
CA HIS A 449 -14.28 11.45 7.16
C HIS A 449 -12.76 11.51 7.22
N PHE A 450 -12.09 11.62 6.07
CA PHE A 450 -10.63 11.52 6.02
C PHE A 450 -9.97 12.65 6.79
N ARG A 451 -10.66 13.79 6.96
CA ARG A 451 -10.11 14.84 7.81
C ARG A 451 -9.85 14.36 9.23
N ASP A 452 -10.58 13.33 9.69
CA ASP A 452 -10.44 12.87 11.06
C ASP A 452 -9.04 12.34 11.35
N THR A 453 -8.28 11.94 10.33
CA THR A 453 -6.95 11.40 10.60
C THR A 453 -5.83 12.33 10.14
N VAL A 454 -6.12 13.61 9.90
CA VAL A 454 -5.04 14.57 9.68
C VAL A 454 -4.18 14.63 10.94
N SER A 455 -2.89 14.89 10.75
CA SER A 455 -1.96 14.87 11.87
C SER A 455 -0.94 16.00 11.73
N PHE A 456 -0.76 16.77 12.80
CA PHE A 456 0.34 17.72 12.93
C PHE A 456 1.25 17.26 14.06
N ARG A 457 2.39 17.94 14.23
CA ARG A 457 3.33 17.50 15.27
C ARG A 457 2.64 17.33 16.62
N LYS A 458 1.73 18.25 16.98
CA LYS A 458 1.08 18.15 18.29
C LYS A 458 0.29 16.85 18.42
N ASP A 459 -0.22 16.31 17.30
CA ASP A 459 -0.92 15.02 17.32
C ASP A 459 0.02 13.83 17.46
N ARG A 460 1.30 14.00 17.14
CA ARG A 460 2.24 12.89 17.08
C ARG A 460 3.01 12.73 18.38
N VAL A 461 3.37 13.83 19.02
CA VAL A 461 4.18 13.73 20.24
C VAL A 461 3.87 14.95 21.09
N LYS A 462 3.71 14.71 22.39
CA LYS A 462 3.44 15.79 23.35
C LYS A 462 4.72 16.09 24.12
N ALA B 7 -15.22 17.97 -9.09
CA ALA B 7 -14.15 17.66 -10.03
C ALA B 7 -14.67 16.84 -11.21
N ALA B 8 -15.72 16.07 -10.96
CA ALA B 8 -16.33 15.31 -12.06
C ALA B 8 -16.99 16.25 -13.07
N GLU B 9 -17.49 17.40 -12.59
CA GLU B 9 -18.03 18.42 -13.49
C GLU B 9 -16.98 18.91 -14.47
N ILE B 10 -15.80 19.27 -13.95
CA ILE B 10 -14.74 19.83 -14.80
C ILE B 10 -14.31 18.80 -15.84
N ARG B 11 -14.11 17.56 -15.42
CA ARG B 11 -13.66 16.53 -16.36
C ARG B 11 -14.67 16.30 -17.48
N GLN B 12 -15.96 16.29 -17.15
CA GLN B 12 -16.97 16.19 -18.20
C GLN B 12 -16.96 17.42 -19.09
N GLN B 13 -16.71 18.59 -18.50
CA GLN B 13 -16.72 19.84 -19.27
C GLN B 13 -15.60 19.89 -20.29
N PHE B 14 -14.46 19.27 -20.00
CA PHE B 14 -13.31 19.38 -20.88
C PHE B 14 -13.06 18.12 -21.70
N ALA B 15 -14.02 17.19 -21.74
CA ALA B 15 -13.87 16.01 -22.57
C ALA B 15 -13.79 16.39 -24.05
N MET B 16 -12.78 15.87 -24.73
CA MET B 16 -12.67 15.96 -26.18
C MET B 16 -13.48 14.84 -26.83
N THR B 17 -13.69 14.96 -28.14
CA THR B 17 -14.15 13.83 -28.92
C THR B 17 -13.06 12.76 -28.97
N ALA B 18 -13.45 11.55 -29.38
CA ALA B 18 -12.52 10.43 -29.42
C ALA B 18 -11.37 10.72 -30.37
N GLY B 19 -10.23 10.09 -30.09
CA GLY B 19 -9.04 10.17 -30.97
C GLY B 19 -7.81 10.64 -30.22
N SER B 20 -6.69 9.97 -30.48
CA SER B 20 -5.45 10.34 -29.80
C SER B 20 -5.11 11.79 -30.08
N PRO B 21 -4.88 12.62 -29.07
CA PRO B 21 -4.52 14.02 -29.30
C PRO B 21 -3.03 14.24 -29.57
N ILE B 22 -2.22 13.20 -29.61
CA ILE B 22 -0.80 13.33 -29.88
C ILE B 22 -0.61 13.42 -31.39
N ILE B 23 -0.02 14.52 -31.86
CA ILE B 23 0.20 14.74 -33.28
C ILE B 23 1.52 14.11 -33.68
N VAL B 24 1.48 13.25 -34.72
CA VAL B 24 2.64 12.50 -35.18
C VAL B 24 2.82 12.74 -36.68
N ASN B 25 3.99 12.37 -37.20
CA ASN B 25 4.27 12.43 -38.63
C ASN B 25 4.75 11.05 -39.10
N ASP B 26 5.15 10.96 -40.38
CA ASP B 26 5.50 9.69 -40.98
C ASP B 26 6.88 9.18 -40.56
N LYS B 27 7.66 9.98 -39.81
CA LYS B 27 8.97 9.56 -39.36
C LYS B 27 8.95 8.81 -38.02
N LEU B 28 7.82 8.83 -37.30
CA LEU B 28 7.80 8.27 -35.95
C LEU B 28 8.11 6.78 -35.94
N GLU B 29 9.00 6.37 -35.04
CA GLU B 29 9.32 4.96 -34.82
C GLU B 29 9.28 4.65 -33.33
N ARG B 30 9.01 3.38 -33.01
CA ARG B 30 9.05 2.97 -31.61
C ARG B 30 10.46 3.17 -31.06
N TYR B 31 10.52 3.41 -29.76
CA TYR B 31 11.70 3.96 -29.09
C TYR B 31 12.32 2.86 -28.23
N ALA B 32 13.62 2.65 -28.38
CA ALA B 32 14.32 1.65 -27.58
C ALA B 32 14.57 2.18 -26.17
N GLU B 33 14.16 1.41 -25.15
CA GLU B 33 14.22 1.87 -23.77
C GLU B 33 15.64 2.25 -23.34
N VAL B 34 16.67 1.58 -23.87
CA VAL B 34 18.05 1.88 -23.49
C VAL B 34 18.41 3.35 -23.79
N ARG B 35 17.65 4.01 -24.66
CA ARG B 35 17.95 5.39 -25.01
C ARG B 35 17.64 6.38 -23.87
N THR B 36 16.90 5.98 -22.83
CA THR B 36 16.62 6.95 -21.77
C THR B 36 17.92 7.36 -21.09
N ALA B 37 17.92 8.57 -20.50
CA ALA B 37 19.15 9.06 -19.87
C ALA B 37 19.58 8.16 -18.71
N PHE B 38 18.63 7.52 -18.03
CA PHE B 38 18.96 6.64 -16.92
C PHE B 38 19.86 5.48 -17.35
N THR B 39 19.73 5.03 -18.58
CA THR B 39 20.33 3.78 -19.03
C THR B 39 21.38 3.94 -20.12
N HIS B 40 21.31 4.99 -20.93
CA HIS B 40 22.16 5.06 -22.12
C HIS B 40 23.63 5.25 -21.74
N PRO B 41 24.56 4.61 -22.45
CA PRO B 41 25.99 4.76 -22.08
C PRO B 41 26.49 6.19 -22.15
N THR B 42 25.92 7.05 -23.00
CA THR B 42 26.39 8.42 -23.09
C THR B 42 26.05 9.25 -21.87
N SER B 43 25.05 8.85 -21.08
CA SER B 43 24.55 9.64 -19.96
C SER B 43 24.66 8.93 -18.63
N PHE B 44 24.99 7.65 -18.62
CA PHE B 44 24.88 6.82 -17.42
C PHE B 44 25.91 7.22 -16.36
N PHE B 45 27.12 7.56 -16.79
CA PHE B 45 28.23 7.84 -15.89
C PHE B 45 28.33 9.34 -15.63
N LYS B 46 28.45 9.72 -14.37
CA LYS B 46 28.59 11.11 -13.95
C LYS B 46 29.60 11.22 -12.82
N PRO B 47 30.30 12.35 -12.71
CA PRO B 47 31.25 12.52 -11.62
C PRO B 47 30.54 12.81 -10.30
N ASN B 48 31.14 12.35 -9.21
CA ASN B 48 30.66 12.73 -7.89
C ASN B 48 31.32 14.05 -7.50
N TYR B 49 31.10 14.50 -6.25
CA TYR B 49 31.63 15.80 -5.85
C TYR B 49 33.15 15.79 -5.67
N LYS B 50 33.76 14.61 -5.58
CA LYS B 50 35.21 14.47 -5.50
C LYS B 50 35.87 14.38 -6.87
N GLY B 51 35.11 14.38 -7.96
CA GLY B 51 35.68 14.18 -9.28
C GLY B 51 35.80 12.73 -9.72
N GLU B 52 35.17 11.79 -9.04
CA GLU B 52 35.25 10.38 -9.40
C GLU B 52 34.06 10.02 -10.29
N VAL B 53 34.33 9.44 -11.46
CA VAL B 53 33.24 9.09 -12.37
C VAL B 53 32.67 7.73 -11.98
N LYS B 54 31.35 7.68 -11.83
CA LYS B 54 30.66 6.48 -11.38
C LYS B 54 29.31 6.42 -12.08
N PRO B 55 28.64 5.25 -12.05
CA PRO B 55 27.19 5.24 -12.35
C PRO B 55 26.51 6.41 -11.65
N TRP B 56 25.62 7.13 -12.35
CA TRP B 56 25.06 8.37 -11.81
C TRP B 56 24.45 8.18 -10.42
N PHE B 57 23.78 7.06 -10.19
CA PHE B 57 23.12 6.91 -8.90
C PHE B 57 24.11 6.68 -7.77
N LEU B 58 25.30 6.13 -8.09
CA LEU B 58 26.34 6.00 -7.08
C LEU B 58 26.96 7.35 -6.76
N SER B 59 27.17 8.19 -7.79
CA SER B 59 27.62 9.54 -7.51
C SER B 59 26.59 10.30 -6.69
N ALA B 60 25.30 10.10 -7.00
CA ALA B 60 24.26 10.73 -6.19
C ALA B 60 24.33 10.25 -4.74
N TYR B 61 24.54 8.95 -4.53
CA TYR B 61 24.71 8.40 -3.18
C TYR B 61 25.82 9.13 -2.42
N ASP B 62 26.96 9.34 -3.08
CA ASP B 62 28.06 10.05 -2.42
C ASP B 62 27.62 11.44 -1.96
N GLU B 63 26.77 12.10 -2.74
CA GLU B 63 26.31 13.42 -2.34
C GLU B 63 25.35 13.33 -1.16
N LYS B 64 24.51 12.28 -1.11
CA LYS B 64 23.63 12.11 0.05
C LYS B 64 24.44 11.92 1.32
N VAL B 65 25.49 11.08 1.26
CA VAL B 65 26.36 10.87 2.41
C VAL B 65 27.00 12.17 2.84
N ARG B 66 27.57 12.90 1.88
CA ARG B 66 28.20 14.18 2.17
C ARG B 66 27.22 15.14 2.85
N GLN B 67 25.97 15.17 2.39
CA GLN B 67 25.00 16.10 2.97
C GLN B 67 24.66 15.72 4.41
N ILE B 68 24.45 14.42 4.67
CA ILE B 68 24.16 13.99 6.03
C ILE B 68 25.31 14.39 6.96
N GLU B 69 26.55 14.10 6.56
CA GLU B 69 27.71 14.46 7.39
C GLU B 69 27.75 15.96 7.65
N ASN B 70 27.36 16.77 6.66
CA ASN B 70 27.41 18.22 6.76
C ASN B 70 26.09 18.81 7.26
N GLY B 71 25.15 17.98 7.71
CA GLY B 71 23.91 18.49 8.23
C GLY B 71 23.08 19.26 7.22
N GLU B 72 22.94 18.72 6.02
CA GLU B 72 22.21 19.35 4.93
C GLU B 72 21.09 18.45 4.42
N ASN B 73 19.97 19.07 4.01
CA ASN B 73 18.85 18.37 3.39
C ASN B 73 18.89 18.40 1.87
N GLY B 74 19.83 19.14 1.28
CA GLY B 74 19.91 19.32 -0.14
C GLY B 74 21.12 20.16 -0.47
N PRO B 75 21.33 20.46 -1.76
CA PRO B 75 22.52 21.24 -2.14
C PRO B 75 22.47 22.63 -1.51
N LYS B 76 23.47 22.92 -0.68
CA LYS B 76 23.60 24.21 0.01
C LYS B 76 22.32 24.59 0.76
N MET B 77 21.60 23.58 1.26
CA MET B 77 20.43 23.78 2.11
C MET B 77 20.72 23.12 3.45
N LYS B 78 21.07 23.93 4.44
CA LYS B 78 21.34 23.42 5.77
C LYS B 78 20.08 22.84 6.40
N ALA B 79 20.22 21.69 7.03
CA ALA B 79 19.14 21.10 7.81
C ALA B 79 19.15 21.70 9.21
N LYS B 80 18.12 21.38 9.98
CA LYS B 80 18.09 21.81 11.37
C LYS B 80 19.30 21.28 12.12
N ASN B 81 19.72 20.05 11.80
CA ASN B 81 20.87 19.40 12.41
C ASN B 81 21.14 18.13 11.59
N VAL B 82 22.21 17.42 11.96
CA VAL B 82 22.54 16.17 11.26
C VAL B 82 21.41 15.16 11.40
N GLY B 83 20.76 15.12 12.57
CA GLY B 83 19.67 14.18 12.76
C GLY B 83 18.55 14.37 11.76
N GLU B 84 18.16 15.62 11.52
CA GLU B 84 17.13 15.87 10.53
C GLU B 84 17.60 15.45 9.14
N ALA B 85 18.85 15.76 8.81
CA ALA B 85 19.39 15.36 7.50
C ALA B 85 19.29 13.85 7.32
N ARG B 86 19.69 13.10 8.35
CA ARG B 86 19.63 11.64 8.31
C ARG B 86 18.21 11.15 8.11
N ALA B 87 17.25 11.77 8.80
CA ALA B 87 15.87 11.30 8.77
C ALA B 87 15.27 11.42 7.38
N GLY B 88 15.61 12.51 6.67
CA GLY B 88 15.06 12.70 5.34
C GLY B 88 15.56 11.65 4.36
N ARG B 89 16.84 11.28 4.45
CA ARG B 89 17.39 10.25 3.58
C ARG B 89 16.91 8.86 3.98
N ALA B 90 16.71 8.63 5.29
CA ALA B 90 16.13 7.35 5.71
C ALA B 90 14.71 7.21 5.17
N LEU B 91 13.93 8.29 5.19
CA LEU B 91 12.57 8.22 4.66
C LEU B 91 12.57 7.96 3.15
N GLU B 92 13.43 8.68 2.41
CA GLU B 92 13.60 8.43 0.98
C GLU B 92 13.98 6.99 0.69
N ALA B 93 15.02 6.47 1.35
CA ALA B 93 15.47 5.12 1.06
C ALA B 93 14.38 4.10 1.36
N ALA B 94 13.68 4.28 2.49
CA ALA B 94 12.60 3.35 2.85
C ALA B 94 11.47 3.37 1.83
N GLY B 95 11.18 4.52 1.22
CA GLY B 95 10.04 4.62 0.32
C GLY B 95 10.13 3.66 -0.85
N TRP B 96 11.35 3.33 -1.28
CA TRP B 96 11.65 2.49 -2.43
C TRP B 96 11.52 0.98 -2.14
N THR B 97 11.00 0.59 -0.98
CA THR B 97 11.09 -0.81 -0.54
C THR B 97 10.52 -1.79 -1.57
N LEU B 98 9.41 -1.45 -2.22
CA LEU B 98 8.75 -2.34 -3.16
C LEU B 98 9.08 -2.00 -4.61
N ASP B 99 10.30 -1.55 -4.87
CA ASP B 99 10.70 -1.13 -6.20
C ASP B 99 12.10 -1.65 -6.47
N ILE B 100 12.34 -2.15 -7.69
CA ILE B 100 13.61 -2.75 -8.06
C ILE B 100 14.40 -1.75 -8.89
N ASN B 101 15.61 -1.42 -8.42
CA ASN B 101 16.61 -0.67 -9.21
C ASN B 101 16.01 0.58 -9.86
N TYR B 102 15.19 1.29 -9.09
CA TYR B 102 14.64 2.60 -9.48
C TYR B 102 13.73 2.49 -10.70
N GLY B 103 12.55 1.91 -10.47
CA GLY B 103 11.50 2.01 -11.47
C GLY B 103 10.83 0.72 -11.90
N ASN B 104 11.31 -0.44 -11.46
CA ASN B 104 10.72 -1.73 -11.83
C ASN B 104 10.66 -1.93 -13.35
N ILE B 105 11.72 -1.52 -14.06
CA ILE B 105 11.57 -1.50 -15.53
C ILE B 105 11.74 -2.87 -16.16
N TYR B 106 12.47 -3.81 -15.54
CA TYR B 106 12.69 -5.10 -16.22
C TYR B 106 11.36 -5.84 -16.34
N PRO B 107 10.88 -6.12 -17.55
CA PRO B 107 9.58 -6.79 -17.65
C PRO B 107 9.69 -8.26 -17.29
N ASN B 108 8.66 -8.76 -16.62
CA ASN B 108 8.55 -10.18 -16.28
C ASN B 108 9.67 -10.62 -15.35
N ARG B 109 10.10 -9.72 -14.46
CA ARG B 109 11.10 -10.00 -13.45
C ARG B 109 10.59 -9.45 -12.13
N PHE B 110 10.99 -10.11 -11.03
CA PHE B 110 10.69 -9.66 -9.67
C PHE B 110 9.20 -9.38 -9.47
N PHE B 111 8.81 -8.11 -9.27
CA PHE B 111 7.40 -7.79 -9.06
C PHE B 111 6.59 -7.73 -10.35
N MET B 112 7.24 -7.57 -11.51
CA MET B 112 6.56 -7.27 -12.77
C MET B 112 6.28 -8.53 -13.59
N LEU B 113 5.76 -9.56 -12.94
CA LEU B 113 5.57 -10.81 -13.67
C LEU B 113 4.39 -10.69 -14.65
N TRP B 114 4.57 -11.23 -15.85
CA TRP B 114 3.55 -11.19 -16.90
C TRP B 114 2.49 -12.27 -16.75
N SER B 115 2.72 -13.27 -15.91
CA SER B 115 1.71 -14.25 -15.55
C SER B 115 1.63 -14.33 -14.03
N GLY B 116 0.45 -14.66 -13.53
CA GLY B 116 0.28 -14.82 -12.10
C GLY B 116 0.61 -16.18 -11.56
N GLU B 117 0.95 -17.13 -12.43
CA GLU B 117 0.94 -18.55 -12.07
C GLU B 117 1.89 -18.88 -10.91
N THR B 118 3.08 -18.27 -10.88
CA THR B 118 4.03 -18.61 -9.82
C THR B 118 3.87 -17.80 -8.54
N MET B 119 2.97 -16.81 -8.52
CA MET B 119 2.87 -15.95 -7.34
C MET B 119 2.31 -16.70 -6.14
N THR B 120 2.78 -16.33 -4.94
CA THR B 120 2.30 -17.02 -3.74
C THR B 120 0.79 -16.90 -3.58
N ASN B 121 0.23 -15.72 -3.91
CA ASN B 121 -1.21 -15.51 -3.77
C ASN B 121 -1.99 -16.39 -4.75
N THR B 122 -1.50 -16.50 -5.98
CA THR B 122 -2.16 -17.39 -6.96
C THR B 122 -2.12 -18.84 -6.49
N GLN B 123 -0.97 -19.27 -5.95
CA GLN B 123 -0.85 -20.65 -5.47
C GLN B 123 -1.80 -20.93 -4.32
N LEU B 124 -1.91 -19.98 -3.38
CA LEU B 124 -2.82 -20.16 -2.25
C LEU B 124 -4.28 -20.26 -2.72
N TRP B 125 -4.64 -19.51 -3.76
CA TRP B 125 -6.00 -19.44 -4.25
C TRP B 125 -6.30 -20.46 -5.34
N ALA B 126 -5.32 -21.28 -5.72
CA ALA B 126 -5.51 -22.18 -6.86
C ALA B 126 -6.75 -23.07 -6.77
N PRO B 127 -7.12 -23.65 -5.62
CA PRO B 127 -8.32 -24.50 -5.59
C PRO B 127 -9.58 -23.80 -6.06
N VAL B 128 -9.67 -22.47 -5.91
CA VAL B 128 -10.86 -21.79 -6.41
C VAL B 128 -10.85 -21.69 -7.93
N GLY B 129 -9.66 -21.69 -8.55
CA GLY B 129 -9.57 -21.66 -10.00
C GLY B 129 -10.05 -20.41 -10.68
N LEU B 130 -9.92 -19.24 -10.03
CA LEU B 130 -10.39 -18.00 -10.66
C LEU B 130 -9.56 -17.66 -11.89
N ASP B 131 -8.26 -17.93 -11.85
CA ASP B 131 -7.45 -17.57 -12.99
C ASP B 131 -7.52 -18.61 -14.12
N ARG B 132 -8.16 -19.76 -13.88
CA ARG B 132 -8.36 -20.74 -14.94
C ARG B 132 -9.75 -20.73 -15.52
N ARG B 133 -10.69 -20.16 -14.82
CA ARG B 133 -12.09 -20.14 -15.21
C ARG B 133 -12.29 -19.09 -16.31
N PRO B 134 -12.96 -19.42 -17.41
CA PRO B 134 -13.25 -18.42 -18.44
C PRO B 134 -13.99 -17.23 -17.84
N PRO B 135 -13.90 -16.05 -18.46
CA PRO B 135 -14.61 -14.88 -17.92
C PRO B 135 -16.11 -15.14 -17.80
N ASP B 136 -16.71 -14.67 -16.72
CA ASP B 136 -18.16 -14.66 -16.63
C ASP B 136 -18.76 -13.35 -17.13
N THR B 137 -17.93 -12.35 -17.42
CA THR B 137 -18.38 -11.05 -17.88
C THR B 137 -17.50 -10.65 -19.06
N THR B 138 -18.14 -10.36 -20.20
CA THR B 138 -17.45 -9.90 -21.40
C THR B 138 -17.92 -8.52 -21.82
N ASP B 139 -18.96 -8.00 -21.18
CA ASP B 139 -19.55 -6.69 -21.42
C ASP B 139 -18.56 -5.59 -21.02
N PRO B 140 -18.01 -4.82 -21.96
CA PRO B 140 -16.98 -3.84 -21.60
C PRO B 140 -17.47 -2.75 -20.66
N VAL B 141 -18.78 -2.44 -20.66
CA VAL B 141 -19.30 -1.43 -19.74
C VAL B 141 -19.18 -1.92 -18.30
N GLU B 142 -19.64 -3.15 -18.03
CA GLU B 142 -19.55 -3.68 -16.68
C GLU B 142 -18.10 -3.91 -16.28
N LEU B 143 -17.28 -4.40 -17.22
CA LEU B 143 -15.88 -4.63 -16.92
C LEU B 143 -15.17 -3.33 -16.58
N THR B 144 -15.48 -2.25 -17.31
CA THR B 144 -14.88 -0.95 -17.01
C THR B 144 -15.23 -0.48 -15.61
N ASN B 145 -16.49 -0.70 -15.19
CA ASN B 145 -16.88 -0.29 -13.84
C ASN B 145 -16.19 -1.14 -12.79
N TYR B 146 -16.17 -2.47 -12.98
CA TYR B 146 -15.48 -3.37 -12.05
C TYR B 146 -14.00 -3.03 -11.93
N VAL B 147 -13.30 -2.88 -13.07
CA VAL B 147 -11.84 -2.74 -13.00
C VAL B 147 -11.47 -1.38 -12.43
N LYS B 148 -12.27 -0.34 -12.69
CA LYS B 148 -11.97 0.96 -12.11
C LYS B 148 -12.21 0.96 -10.60
N PHE B 149 -13.27 0.31 -10.13
CA PHE B 149 -13.46 0.16 -8.69
C PHE B 149 -12.25 -0.55 -8.08
N ALA B 150 -11.82 -1.66 -8.70
CA ALA B 150 -10.64 -2.36 -8.23
C ALA B 150 -9.41 -1.45 -8.23
N ALA B 151 -9.28 -0.60 -9.28
CA ALA B 151 -8.12 0.28 -9.37
C ALA B 151 -8.08 1.25 -8.20
N ARG B 152 -9.24 1.74 -7.77
CA ARG B 152 -9.26 2.65 -6.63
C ARG B 152 -8.91 1.92 -5.35
N MET B 153 -9.43 0.69 -5.18
CA MET B 153 -9.04 -0.13 -4.03
C MET B 153 -7.53 -0.32 -4.02
N ALA B 154 -6.93 -0.45 -5.21
CA ALA B 154 -5.52 -0.75 -5.35
C ALA B 154 -4.63 0.49 -5.26
N GLY B 155 -5.20 1.66 -4.98
CA GLY B 155 -4.40 2.81 -4.64
C GLY B 155 -4.26 3.88 -5.71
N ALA B 156 -4.95 3.75 -6.83
CA ALA B 156 -4.95 4.81 -7.83
C ALA B 156 -5.83 5.96 -7.35
N ASP B 157 -5.32 7.19 -7.45
CA ASP B 157 -6.10 8.38 -7.24
C ASP B 157 -6.82 8.82 -8.49
N LEU B 158 -6.26 8.49 -9.66
CA LEU B 158 -6.90 8.65 -10.96
C LEU B 158 -6.79 7.34 -11.73
N VAL B 159 -7.78 7.03 -12.55
CA VAL B 159 -7.67 5.87 -13.44
C VAL B 159 -8.38 6.17 -14.76
N GLY B 160 -7.73 5.78 -15.86
CA GLY B 160 -8.34 5.92 -17.17
C GLY B 160 -7.97 4.73 -18.04
N VAL B 161 -8.72 4.57 -19.13
CA VAL B 161 -8.58 3.47 -20.07
C VAL B 161 -8.40 4.04 -21.47
N ALA B 162 -7.45 3.46 -22.22
CA ALA B 162 -7.29 3.80 -23.63
C ALA B 162 -7.04 2.53 -24.42
N ARG B 163 -7.40 2.55 -25.71
CA ARG B 163 -6.83 1.56 -26.60
C ARG B 163 -5.30 1.67 -26.58
N LEU B 164 -4.63 0.54 -26.74
CA LEU B 164 -3.17 0.52 -26.69
C LEU B 164 -2.60 1.04 -28.00
N ASN B 165 -1.92 2.19 -27.93
CA ASN B 165 -1.18 2.72 -29.07
C ASN B 165 0.23 2.13 -29.01
N ARG B 166 0.55 1.26 -29.97
CA ARG B 166 1.85 0.60 -29.96
C ARG B 166 3.00 1.56 -30.21
N ASN B 167 2.73 2.78 -30.69
CA ASN B 167 3.80 3.75 -30.91
C ASN B 167 4.54 4.06 -29.61
N TRP B 168 3.88 3.91 -28.47
CA TRP B 168 4.48 4.27 -27.21
C TRP B 168 5.04 3.08 -26.46
N VAL B 169 4.88 1.87 -26.99
CA VAL B 169 5.51 0.69 -26.41
C VAL B 169 6.97 0.66 -26.84
N TYR B 170 7.89 0.49 -25.89
CA TYR B 170 9.30 0.45 -26.23
C TYR B 170 9.56 -0.62 -27.28
N SER B 171 10.40 -0.29 -28.26
CA SER B 171 10.74 -1.29 -29.26
C SER B 171 11.54 -2.41 -28.63
N GLU B 172 12.43 -2.09 -27.71
CA GLU B 172 13.20 -3.06 -26.95
C GLU B 172 13.26 -2.61 -25.49
N ALA B 173 13.13 -3.57 -24.59
CA ALA B 173 13.16 -3.29 -23.16
C ALA B 173 14.58 -3.45 -22.62
N VAL B 174 14.85 -2.78 -21.50
CA VAL B 174 16.01 -3.08 -20.68
C VAL B 174 15.60 -4.10 -19.63
N THR B 175 16.30 -5.22 -19.57
CA THR B 175 15.94 -6.28 -18.64
C THR B 175 17.22 -6.99 -18.21
N ILE B 176 17.07 -8.14 -17.55
CA ILE B 176 18.19 -9.01 -17.20
C ILE B 176 17.83 -10.44 -17.61
N PRO B 177 18.81 -11.31 -17.74
CA PRO B 177 18.49 -12.73 -17.97
C PRO B 177 17.70 -13.28 -16.79
N ALA B 178 16.86 -14.27 -17.08
CA ALA B 178 15.85 -14.71 -16.12
C ALA B 178 16.46 -15.33 -14.86
N ASP B 179 17.62 -15.99 -14.98
CA ASP B 179 18.22 -16.67 -13.84
C ASP B 179 19.31 -15.85 -13.17
N VAL B 180 19.48 -14.59 -13.53
CA VAL B 180 20.50 -13.75 -12.89
C VAL B 180 19.96 -13.28 -11.54
N PRO B 181 20.71 -13.47 -10.46
CA PRO B 181 20.22 -13.07 -9.13
C PRO B 181 20.25 -11.56 -8.99
N TYR B 182 19.42 -11.06 -8.05
CA TYR B 182 19.31 -9.62 -7.87
C TYR B 182 20.68 -8.97 -7.69
N GLU B 183 21.57 -9.61 -6.92
CA GLU B 183 22.87 -9.02 -6.61
C GLU B 183 23.73 -8.76 -7.84
N GLN B 184 23.45 -9.41 -8.97
CA GLN B 184 24.19 -9.14 -10.19
C GLN B 184 23.39 -8.34 -11.21
N SER B 185 22.17 -7.91 -10.87
CA SER B 185 21.27 -7.38 -11.89
C SER B 185 21.83 -6.11 -12.52
N LEU B 186 22.31 -5.16 -11.70
CA LEU B 186 22.79 -3.89 -12.24
C LEU B 186 23.92 -4.08 -13.25
N HIS B 187 24.73 -5.12 -13.08
CA HIS B 187 25.88 -5.37 -13.95
C HIS B 187 25.55 -6.24 -15.14
N LYS B 188 24.34 -6.79 -15.23
CA LYS B 188 23.99 -7.72 -16.30
C LYS B 188 22.72 -7.30 -17.00
N GLU B 189 22.49 -5.99 -17.14
CA GLU B 189 21.35 -5.52 -17.90
C GLU B 189 21.56 -5.72 -19.40
N ILE B 190 20.49 -6.10 -20.10
CA ILE B 190 20.52 -6.40 -21.53
C ILE B 190 19.32 -5.73 -22.20
N GLU B 191 19.37 -5.69 -23.53
N GLU B 191 19.32 -5.78 -23.53
CA GLU B 191 18.25 -5.24 -24.34
CA GLU B 191 18.26 -5.22 -24.36
C GLU B 191 17.48 -6.46 -24.83
C GLU B 191 17.50 -6.34 -25.04
N LYS B 192 16.17 -6.27 -25.01
CA LYS B 192 15.33 -7.38 -25.47
C LYS B 192 14.09 -6.86 -26.20
N PRO B 193 13.84 -7.34 -27.42
CA PRO B 193 12.71 -6.80 -28.20
C PRO B 193 11.37 -7.13 -27.56
N ILE B 194 10.44 -6.17 -27.66
CA ILE B 194 9.04 -6.37 -27.34
C ILE B 194 8.28 -6.44 -28.66
N VAL B 195 7.62 -7.57 -28.90
CA VAL B 195 6.95 -7.81 -30.17
C VAL B 195 5.51 -8.23 -29.91
N PHE B 196 4.67 -8.02 -30.93
CA PHE B 196 3.26 -8.38 -30.89
C PHE B 196 3.04 -9.53 -31.85
N LYS B 197 2.45 -10.62 -31.37
CA LYS B 197 2.24 -11.81 -32.17
C LYS B 197 0.90 -12.45 -31.84
N ASP B 198 0.46 -13.33 -32.73
CA ASP B 198 -0.78 -14.09 -32.56
C ASP B 198 -0.48 -15.28 -31.65
N VAL B 199 -0.54 -15.00 -30.35
CA VAL B 199 -0.36 -16.02 -29.31
C VAL B 199 -1.47 -15.85 -28.30
N PRO B 200 -1.79 -16.89 -27.53
CA PRO B 200 -2.90 -16.77 -26.57
C PRO B 200 -2.59 -15.86 -25.39
N LEU B 201 -1.37 -15.90 -24.87
CA LEU B 201 -1.02 -15.30 -23.59
C LEU B 201 0.30 -14.55 -23.70
N PRO B 202 0.49 -13.50 -22.90
CA PRO B 202 1.81 -12.87 -22.82
C PRO B 202 2.84 -13.91 -22.44
N ILE B 203 3.97 -13.91 -23.15
CA ILE B 203 4.96 -14.97 -23.02
C ILE B 203 6.33 -14.37 -23.31
N GLU B 204 7.34 -14.87 -22.60
CA GLU B 204 8.72 -14.47 -22.85
C GLU B 204 9.53 -15.69 -23.31
N THR B 205 10.21 -15.55 -24.43
CA THR B 205 11.18 -16.54 -24.89
C THR B 205 12.59 -16.07 -24.58
N ASP B 206 13.58 -16.91 -24.93
CA ASP B 206 14.97 -16.46 -24.82
C ASP B 206 15.20 -15.19 -25.62
N ASP B 207 14.47 -15.02 -26.72
CA ASP B 207 14.74 -13.94 -27.66
C ASP B 207 13.79 -12.75 -27.54
N GLU B 208 12.55 -12.94 -27.08
CA GLU B 208 11.54 -11.90 -27.24
C GLU B 208 10.62 -11.84 -26.04
N LEU B 209 10.19 -10.62 -25.74
CA LEU B 209 9.01 -10.36 -24.91
C LEU B 209 7.82 -10.26 -25.86
N ILE B 210 6.87 -11.20 -25.75
CA ILE B 210 5.80 -11.33 -26.73
C ILE B 210 4.49 -10.92 -26.08
N ILE B 211 3.93 -9.82 -26.57
CA ILE B 211 2.61 -9.35 -26.15
C ILE B 211 1.59 -9.86 -27.17
N PRO B 212 0.48 -10.46 -26.75
CA PRO B 212 -0.49 -10.95 -27.73
C PRO B 212 -1.11 -9.81 -28.53
N ASN B 213 -1.42 -10.11 -29.80
CA ASN B 213 -2.18 -9.17 -30.62
C ASN B 213 -3.54 -8.84 -30.04
N THR B 214 -4.08 -9.71 -29.18
CA THR B 214 -5.35 -9.44 -28.51
C THR B 214 -5.23 -8.42 -27.39
N CYS B 215 -4.03 -7.90 -27.10
CA CYS B 215 -3.82 -6.97 -25.98
C CYS B 215 -4.30 -5.59 -26.41
N GLU B 216 -5.60 -5.37 -26.27
CA GLU B 216 -6.28 -4.23 -26.90
C GLU B 216 -6.13 -2.92 -26.13
N ASN B 217 -6.01 -2.99 -24.80
CA ASN B 217 -6.27 -1.85 -23.94
C ASN B 217 -5.13 -1.61 -22.96
N VAL B 218 -5.06 -0.38 -22.48
CA VAL B 218 -4.14 -0.03 -21.41
C VAL B 218 -4.94 0.71 -20.34
N ILE B 219 -4.75 0.31 -19.09
CA ILE B 219 -5.34 0.98 -17.94
C ILE B 219 -4.24 1.82 -17.30
N VAL B 220 -4.46 3.11 -17.16
CA VAL B 220 -3.44 4.04 -16.65
C VAL B 220 -3.90 4.57 -15.31
N ALA B 221 -3.02 4.54 -14.31
CA ALA B 221 -3.30 5.01 -12.96
C ALA B 221 -2.44 6.21 -12.61
N GLY B 222 -3.07 7.19 -11.96
CA GLY B 222 -2.36 8.31 -11.38
C GLY B 222 -2.24 8.10 -9.88
N ILE B 223 -1.03 8.28 -9.37
CA ILE B 223 -0.72 8.04 -7.96
C ILE B 223 -0.20 9.36 -7.39
N ALA B 224 -1.03 10.03 -6.57
CA ALA B 224 -0.76 11.42 -6.19
C ALA B 224 0.40 11.53 -5.22
N MET B 225 1.31 12.45 -5.50
CA MET B 225 2.38 12.77 -4.56
C MET B 225 1.92 13.82 -3.55
N ASN B 226 2.75 14.03 -2.53
CA ASN B 226 2.41 14.96 -1.45
C ASN B 226 2.90 16.36 -1.78
N ARG B 227 2.00 17.35 -1.68
CA ARG B 227 2.35 18.68 -2.16
C ARG B 227 3.40 19.35 -1.28
N GLU B 228 3.23 19.28 0.05
CA GLU B 228 4.20 19.87 0.96
C GLU B 228 5.60 19.31 0.74
N MET B 229 5.70 17.99 0.57
CA MET B 229 7.02 17.38 0.38
C MET B 229 7.61 17.72 -0.99
N MET B 230 6.79 17.70 -2.06
CA MET B 230 7.32 18.05 -3.37
C MET B 230 7.78 19.50 -3.41
N GLN B 231 7.16 20.37 -2.63
CA GLN B 231 7.61 21.75 -2.69
C GLN B 231 8.96 21.98 -2.01
N THR B 232 9.56 20.95 -1.40
CA THR B 232 10.95 21.05 -0.94
C THR B 232 11.96 20.71 -2.03
N ALA B 233 11.51 20.40 -3.24
CA ALA B 233 12.42 20.10 -4.35
C ALA B 233 13.44 21.22 -4.47
N PRO B 234 14.71 20.86 -4.70
CA PRO B 234 15.24 19.54 -5.00
C PRO B 234 15.72 18.76 -3.77
N ASN B 235 15.22 19.12 -2.59
CA ASN B 235 15.77 18.60 -1.35
C ASN B 235 15.15 17.24 -1.02
N SER B 236 15.53 16.68 0.14
CA SER B 236 15.33 15.25 0.38
C SER B 236 13.86 14.88 0.52
N MET B 237 13.01 15.75 1.07
CA MET B 237 11.63 15.32 1.27
C MET B 237 10.89 15.18 -0.06
N ALA B 238 11.32 15.92 -1.08
CA ALA B 238 10.79 15.69 -2.42
C ALA B 238 11.19 14.31 -2.92
N CYS B 239 12.41 13.88 -2.59
CA CYS B 239 12.82 12.52 -2.94
C CYS B 239 11.96 11.49 -2.24
N ALA B 240 11.54 11.78 -1.00
CA ALA B 240 10.81 10.79 -0.23
C ALA B 240 9.40 10.57 -0.77
N THR B 241 8.70 11.63 -1.18
CA THR B 241 7.36 11.38 -1.70
C THR B 241 7.43 10.69 -3.06
N THR B 242 8.46 11.03 -3.86
CA THR B 242 8.75 10.28 -5.09
C THR B 242 8.89 8.80 -4.80
N ALA B 243 9.75 8.47 -3.84
CA ALA B 243 10.07 7.07 -3.57
C ALA B 243 8.85 6.30 -3.10
N PHE B 244 8.12 6.84 -2.11
CA PHE B 244 6.96 6.12 -1.60
C PHE B 244 5.95 5.85 -2.71
N CYS B 245 5.76 6.80 -3.62
CA CYS B 245 4.80 6.58 -4.69
C CYS B 245 5.25 5.51 -5.67
N TYR B 246 6.57 5.29 -5.83
CA TYR B 246 7.00 4.17 -6.66
C TYR B 246 6.58 2.84 -6.05
N SER B 247 6.64 2.71 -4.72
CA SER B 247 6.17 1.47 -4.12
C SER B 247 4.65 1.37 -4.20
N ARG B 248 3.94 2.51 -4.13
CA ARG B 248 2.49 2.47 -4.35
C ARG B 248 2.16 2.01 -5.77
N MET B 249 2.96 2.47 -6.74
CA MET B 249 2.81 2.02 -8.14
C MET B 249 2.92 0.51 -8.25
N CYS B 250 3.95 -0.05 -7.61
CA CYS B 250 4.17 -1.49 -7.71
C CYS B 250 3.00 -2.26 -7.11
N MET B 251 2.52 -1.83 -5.94
CA MET B 251 1.40 -2.54 -5.35
C MET B 251 0.16 -2.42 -6.22
N PHE B 252 -0.06 -1.25 -6.83
CA PHE B 252 -1.19 -1.09 -7.74
C PHE B 252 -1.13 -2.12 -8.88
N ASP B 253 0.02 -2.19 -9.56
CA ASP B 253 0.19 -3.10 -10.69
C ASP B 253 -0.12 -4.53 -10.29
N MET B 254 0.43 -4.99 -9.18
CA MET B 254 0.23 -6.37 -8.77
C MET B 254 -1.22 -6.64 -8.38
N TRP B 255 -1.79 -5.77 -7.54
CA TRP B 255 -3.20 -5.91 -7.17
C TRP B 255 -4.10 -5.96 -8.41
N LEU B 256 -3.93 -4.99 -9.32
CA LEU B 256 -4.84 -4.90 -10.46
C LEU B 256 -4.62 -6.04 -11.44
N CYS B 257 -3.36 -6.41 -11.71
CA CYS B 257 -3.12 -7.58 -12.56
C CYS B 257 -3.77 -8.83 -11.99
N GLN B 258 -3.67 -9.03 -10.68
CA GLN B 258 -4.32 -10.19 -10.08
C GLN B 258 -5.83 -10.12 -10.23
N PHE B 259 -6.43 -8.95 -10.01
CA PHE B 259 -7.89 -8.85 -10.19
C PHE B 259 -8.28 -9.22 -11.62
N ILE B 260 -7.55 -8.68 -12.60
CA ILE B 260 -7.85 -8.94 -14.00
C ILE B 260 -7.68 -10.43 -14.34
N ARG B 261 -6.61 -11.04 -13.83
CA ARG B 261 -6.41 -12.48 -14.04
C ARG B 261 -7.51 -13.31 -13.40
N TYR B 262 -7.92 -12.93 -12.20
CA TYR B 262 -8.99 -13.67 -11.53
C TYR B 262 -10.36 -13.43 -12.15
N MET B 263 -10.50 -12.42 -13.00
CA MET B 263 -11.69 -12.20 -13.81
C MET B 263 -11.68 -13.02 -15.08
N GLY B 264 -10.59 -13.71 -15.37
CA GLY B 264 -10.49 -14.54 -16.55
C GLY B 264 -9.72 -13.97 -17.72
N TYR B 265 -9.03 -12.85 -17.54
CA TYR B 265 -8.26 -12.23 -18.63
C TYR B 265 -6.78 -12.25 -18.25
N TYR B 266 -5.92 -11.75 -19.14
CA TYR B 266 -4.51 -11.63 -18.80
C TYR B 266 -4.17 -10.17 -18.55
N ALA B 267 -3.02 -9.93 -17.90
CA ALA B 267 -2.66 -8.58 -17.53
C ALA B 267 -1.15 -8.48 -17.42
N ILE B 268 -0.59 -7.40 -17.97
CA ILE B 268 0.85 -7.15 -17.97
C ILE B 268 1.10 -5.91 -17.12
N PRO B 269 1.83 -6.03 -16.01
CA PRO B 269 2.18 -4.84 -15.22
C PRO B 269 3.36 -4.11 -15.87
N SER B 270 3.66 -2.89 -15.39
CA SER B 270 4.80 -2.21 -16.01
C SER B 270 5.57 -1.21 -15.15
N CYS B 271 4.89 -0.47 -14.26
CA CYS B 271 5.54 0.63 -13.56
C CYS B 271 6.29 1.51 -14.58
N ASN B 272 7.62 1.72 -14.45
CA ASN B 272 8.32 2.57 -15.41
C ASN B 272 8.76 1.84 -16.67
N GLY B 273 8.48 0.55 -16.79
CA GLY B 273 8.88 -0.20 -17.97
C GLY B 273 7.82 -0.24 -19.06
N VAL B 274 8.15 -1.02 -20.10
CA VAL B 274 7.28 -1.46 -21.20
C VAL B 274 6.96 -0.33 -22.18
N GLY B 275 6.51 0.82 -21.68
CA GLY B 275 6.22 1.92 -22.58
C GLY B 275 6.19 3.26 -21.88
N GLN B 276 5.87 4.29 -22.66
CA GLN B 276 5.95 5.68 -22.22
C GLN B 276 4.65 6.06 -21.53
N SER B 277 4.73 6.21 -20.20
CA SER B 277 3.54 6.46 -19.39
C SER B 277 2.83 7.76 -19.75
N VAL B 278 3.60 8.82 -20.06
CA VAL B 278 2.97 10.11 -20.29
C VAL B 278 2.02 10.04 -21.49
N ALA B 279 2.47 9.40 -22.58
CA ALA B 279 1.62 9.27 -23.76
C ALA B 279 0.37 8.45 -23.46
N PHE B 280 0.53 7.31 -22.80
CA PHE B 280 -0.64 6.51 -22.39
C PHE B 280 -1.61 7.34 -21.55
N ALA B 281 -1.08 8.11 -20.60
CA ALA B 281 -1.96 8.86 -19.70
C ALA B 281 -2.72 9.93 -20.44
N VAL B 282 -2.10 10.55 -21.45
CA VAL B 282 -2.81 11.54 -22.25
C VAL B 282 -3.90 10.88 -23.07
N GLU B 283 -3.59 9.75 -23.70
CA GLU B 283 -4.59 9.06 -24.52
C GLU B 283 -5.74 8.53 -23.68
N ALA B 284 -5.49 8.25 -22.41
CA ALA B 284 -6.52 7.73 -21.51
C ALA B 284 -7.28 8.84 -20.77
N GLY B 285 -6.95 10.10 -21.02
CA GLY B 285 -7.71 11.21 -20.47
C GLY B 285 -7.35 11.64 -19.06
N LEU B 286 -6.19 11.22 -18.53
CA LEU B 286 -5.81 11.71 -17.20
C LEU B 286 -5.40 13.18 -17.23
N GLY B 287 -4.82 13.63 -18.32
CA GLY B 287 -4.39 15.02 -18.38
C GLY B 287 -3.79 15.33 -19.73
N GLN B 288 -3.04 16.42 -19.79
CA GLN B 288 -2.43 16.89 -21.03
C GLN B 288 -0.91 16.93 -20.89
N ALA B 289 -0.23 16.69 -22.00
CA ALA B 289 1.21 16.90 -22.07
C ALA B 289 1.54 18.37 -21.83
N SER B 290 2.75 18.63 -21.31
CA SER B 290 3.12 19.95 -20.84
C SER B 290 4.51 20.31 -21.35
N ARG B 291 4.93 21.55 -21.08
CA ARG B 291 6.27 21.99 -21.48
C ARG B 291 7.35 21.15 -20.80
N MET B 292 7.21 20.89 -19.50
CA MET B 292 8.23 20.10 -18.82
C MET B 292 8.29 18.67 -19.34
N GLY B 293 7.22 18.19 -19.96
CA GLY B 293 7.19 16.85 -20.49
C GLY B 293 6.27 15.92 -19.73
N ALA B 294 5.74 16.37 -18.61
CA ALA B 294 4.90 15.54 -17.76
C ALA B 294 3.44 15.63 -18.20
N CYS B 295 2.65 14.66 -17.74
CA CYS B 295 1.21 14.74 -17.92
C CYS B 295 0.64 15.59 -16.79
N ILE B 296 -0.02 16.69 -17.15
CA ILE B 296 -0.58 17.61 -16.16
C ILE B 296 -2.05 17.27 -15.98
N THR B 297 -2.44 16.97 -14.75
CA THR B 297 -3.82 16.59 -14.48
C THR B 297 -4.58 17.74 -13.83
N PRO B 298 -5.89 17.79 -13.97
CA PRO B 298 -6.65 18.85 -13.28
C PRO B 298 -6.54 18.75 -11.77
N GLU B 299 -6.54 17.54 -11.21
CA GLU B 299 -6.59 17.37 -9.76
C GLU B 299 -5.26 17.68 -9.09
N PHE B 300 -4.14 17.30 -9.72
CA PHE B 300 -2.84 17.35 -9.07
C PHE B 300 -1.79 18.12 -9.87
N GLY B 301 -2.15 18.67 -11.03
CA GLY B 301 -1.16 19.13 -11.97
C GLY B 301 -0.24 17.98 -12.33
N PRO B 302 1.06 18.27 -12.48
CA PRO B 302 2.04 17.21 -12.76
C PRO B 302 2.52 16.47 -11.51
N ASN B 303 2.02 16.81 -10.34
CA ASN B 303 2.54 16.26 -9.09
C ASN B 303 1.86 14.92 -8.78
N VAL B 304 2.02 13.98 -9.71
CA VAL B 304 1.31 12.70 -9.66
C VAL B 304 2.14 11.71 -10.46
N ARG B 305 2.31 10.51 -9.91
CA ARG B 305 3.06 9.49 -10.63
C ARG B 305 2.12 8.66 -11.48
N LEU B 306 2.69 7.98 -12.46
CA LEU B 306 1.92 7.19 -13.40
C LEU B 306 2.42 5.75 -13.40
N THR B 307 1.47 4.82 -13.50
CA THR B 307 1.81 3.45 -13.87
C THR B 307 0.70 2.94 -14.78
N LYS B 308 0.87 1.73 -15.30
CA LYS B 308 -0.11 1.26 -16.26
C LYS B 308 -0.06 -0.25 -16.40
N VAL B 309 -1.20 -0.82 -16.82
CA VAL B 309 -1.42 -2.25 -16.97
C VAL B 309 -2.05 -2.50 -18.33
N PHE B 310 -1.53 -3.49 -19.07
CA PHE B 310 -2.00 -3.83 -20.41
C PHE B 310 -2.85 -5.10 -20.35
N THR B 311 -3.97 -5.11 -21.07
CA THR B 311 -4.87 -6.25 -20.92
C THR B 311 -5.73 -6.46 -22.16
N ASN B 312 -6.18 -7.71 -22.33
CA ASN B 312 -7.19 -8.05 -23.31
C ASN B 312 -8.61 -7.92 -22.76
N MET B 313 -8.77 -7.56 -21.49
CA MET B 313 -10.11 -7.36 -20.94
C MET B 313 -10.87 -6.32 -21.76
N PRO B 314 -12.09 -6.63 -22.23
CA PRO B 314 -12.89 -5.61 -22.92
C PRO B 314 -13.20 -4.44 -22.01
N LEU B 315 -13.02 -3.22 -22.53
CA LEU B 315 -13.20 -2.01 -21.75
C LEU B 315 -13.72 -0.90 -22.64
N VAL B 316 -14.26 0.14 -22.03
CA VAL B 316 -14.70 1.33 -22.73
C VAL B 316 -13.60 2.38 -22.62
N PRO B 317 -12.98 2.79 -23.73
CA PRO B 317 -11.97 3.85 -23.65
C PRO B 317 -12.55 5.14 -23.11
N ASP B 318 -11.76 5.83 -22.31
CA ASP B 318 -12.12 7.16 -21.84
C ASP B 318 -11.79 8.19 -22.91
N LYS B 319 -12.41 9.37 -22.78
CA LYS B 319 -12.13 10.41 -23.77
C LYS B 319 -10.92 11.23 -23.34
N PRO B 320 -10.10 11.67 -24.30
CA PRO B 320 -9.06 12.65 -23.96
C PRO B 320 -9.69 13.93 -23.45
N ILE B 321 -8.91 14.68 -22.66
CA ILE B 321 -9.41 15.92 -22.06
C ILE B 321 -8.55 17.08 -22.53
N ASP B 322 -9.19 18.24 -22.69
CA ASP B 322 -8.51 19.46 -23.09
C ASP B 322 -9.01 20.53 -22.14
N PHE B 323 -8.19 20.91 -21.16
CA PHE B 323 -8.53 22.01 -20.26
C PHE B 323 -7.53 23.16 -20.39
N GLY B 324 -6.92 23.29 -21.57
CA GLY B 324 -6.11 24.45 -21.88
C GLY B 324 -4.65 24.39 -21.50
N VAL B 325 -4.10 23.20 -21.24
CA VAL B 325 -2.71 23.12 -20.80
C VAL B 325 -1.76 23.62 -21.90
N THR B 326 -1.98 23.20 -23.14
CA THR B 326 -1.07 23.59 -24.21
C THR B 326 -0.96 25.10 -24.32
N GLU B 327 -2.10 25.79 -24.37
CA GLU B 327 -2.11 27.25 -24.48
C GLU B 327 -1.50 27.91 -23.26
N PHE B 328 -1.68 27.33 -22.08
CA PHE B 328 -1.07 27.89 -20.89
C PHE B 328 0.45 27.70 -20.90
N CYS B 329 0.91 26.52 -21.31
CA CYS B 329 2.34 26.29 -21.36
C CYS B 329 3.01 27.15 -22.44
N GLU B 330 2.27 27.52 -23.48
CA GLU B 330 2.85 28.32 -24.54
C GLU B 330 3.38 29.65 -24.02
N THR B 331 2.74 30.23 -23.02
CA THR B 331 3.15 31.54 -22.50
C THR B 331 3.76 31.51 -21.11
N CYS B 332 3.77 30.38 -20.42
CA CYS B 332 4.16 30.36 -19.00
C CYS B 332 5.68 30.29 -18.83
N LYS B 333 6.28 29.16 -19.21
CA LYS B 333 7.74 28.94 -19.20
C LYS B 333 8.37 28.99 -17.80
N LYS B 334 7.56 28.90 -16.73
CA LYS B 334 8.09 28.98 -15.37
C LYS B 334 9.02 27.80 -15.06
N CYS B 335 8.64 26.60 -15.47
CA CYS B 335 9.50 25.44 -15.25
C CYS B 335 10.85 25.64 -15.95
N ALA B 336 10.82 26.14 -17.19
CA ALA B 336 12.06 26.34 -17.95
C ALA B 336 12.96 27.36 -17.29
N ARG B 337 12.38 28.39 -16.67
CA ARG B 337 13.21 29.42 -16.04
C ARG B 337 13.76 28.97 -14.69
N GLU B 338 13.05 28.09 -13.97
CA GLU B 338 13.51 27.64 -12.66
C GLU B 338 14.37 26.39 -12.71
N CYS B 339 14.43 25.69 -13.85
CA CYS B 339 15.17 24.44 -13.95
C CYS B 339 16.65 24.65 -13.65
N PRO B 340 17.19 23.99 -12.62
CA PRO B 340 18.60 24.23 -12.24
C PRO B 340 19.62 23.80 -13.28
N SER B 341 19.20 23.09 -14.33
CA SER B 341 20.11 22.60 -15.35
C SER B 341 19.76 23.08 -16.74
N LYS B 342 18.76 23.97 -16.87
CA LYS B 342 18.30 24.50 -18.15
C LYS B 342 17.99 23.38 -19.13
N ALA B 343 17.41 22.29 -18.62
CA ALA B 343 17.04 21.16 -19.47
C ALA B 343 15.77 21.42 -20.27
N ILE B 344 14.89 22.29 -19.78
CA ILE B 344 13.58 22.48 -20.38
C ILE B 344 13.63 23.66 -21.35
N THR B 345 13.11 23.45 -22.54
CA THR B 345 13.16 24.47 -23.58
C THR B 345 12.18 25.60 -23.31
N GLU B 346 12.54 26.80 -23.78
CA GLU B 346 11.60 27.92 -23.85
C GLU B 346 11.01 28.09 -25.24
N GLY B 347 11.36 27.20 -26.18
CA GLY B 347 10.96 27.34 -27.56
C GLY B 347 9.65 26.63 -27.87
N PRO B 348 9.26 26.64 -29.15
CA PRO B 348 8.00 26.03 -29.55
C PRO B 348 8.14 24.52 -29.73
N ARG B 349 6.99 23.86 -29.84
CA ARG B 349 6.96 22.41 -30.03
C ARG B 349 7.39 22.05 -31.45
N THR B 350 8.10 20.94 -31.58
CA THR B 350 8.55 20.42 -32.87
C THR B 350 8.41 18.90 -32.90
N PHE B 351 8.69 18.32 -34.06
CA PHE B 351 8.70 16.87 -34.23
C PHE B 351 10.10 16.27 -34.16
N GLU B 352 11.11 17.06 -33.83
CA GLU B 352 12.50 16.62 -33.89
C GLU B 352 13.11 16.62 -32.50
N GLY B 353 13.55 15.45 -32.05
CA GLY B 353 14.16 15.38 -30.73
C GLY B 353 15.46 16.15 -30.67
N ARG B 354 15.77 16.65 -29.46
CA ARG B 354 17.04 17.35 -29.25
C ARG B 354 18.23 16.41 -29.17
N SER B 355 18.02 15.19 -28.68
CA SER B 355 19.10 14.22 -28.55
C SER B 355 18.51 12.81 -28.62
N ILE B 356 19.37 11.82 -28.45
CA ILE B 356 18.98 10.41 -28.51
C ILE B 356 17.88 10.09 -27.50
N HIS B 357 17.78 10.88 -26.43
CA HIS B 357 16.85 10.57 -25.34
C HIS B 357 15.40 10.88 -25.70
N ASN B 358 15.17 11.70 -26.73
CA ASN B 358 13.82 12.05 -27.18
C ASN B 358 13.38 11.14 -28.32
N GLN B 359 12.09 10.81 -28.34
CA GLN B 359 11.48 10.12 -29.48
C GLN B 359 11.04 11.16 -30.51
N SER B 360 11.73 11.20 -31.65
CA SER B 360 11.30 12.08 -32.74
C SER B 360 10.04 11.54 -33.39
N GLY B 361 9.30 12.44 -34.03
CA GLY B 361 8.12 12.07 -34.77
C GLY B 361 6.80 12.39 -34.09
N LYS B 362 6.82 13.02 -32.93
CA LYS B 362 5.60 13.41 -32.24
C LYS B 362 5.75 14.87 -31.80
N LEU B 363 4.66 15.62 -31.91
CA LEU B 363 4.70 17.04 -31.60
C LEU B 363 4.71 17.24 -30.09
N GLN B 364 5.82 17.79 -29.59
CA GLN B 364 6.00 17.97 -28.15
C GLN B 364 7.07 19.04 -27.94
N TRP B 365 7.12 19.57 -26.72
CA TRP B 365 8.27 20.36 -26.31
C TRP B 365 9.46 19.43 -26.11
N GLN B 366 10.56 19.74 -26.79
CA GLN B 366 11.76 18.88 -26.79
C GLN B 366 12.72 19.35 -25.71
N ASN B 367 13.00 18.50 -24.74
CA ASN B 367 13.84 18.83 -23.60
C ASN B 367 15.13 18.01 -23.63
N ASP B 368 16.17 18.54 -22.98
CA ASP B 368 17.47 17.88 -22.91
C ASP B 368 17.54 17.09 -21.60
N TYR B 369 17.26 15.81 -21.68
CA TYR B 369 17.14 15.01 -20.48
C TYR B 369 18.48 14.53 -19.92
N ASN B 370 19.57 14.67 -20.68
CA ASN B 370 20.89 14.45 -20.08
C ASN B 370 21.24 15.60 -19.15
N LYS B 371 20.87 16.83 -19.50
CA LYS B 371 21.08 17.95 -18.60
C LYS B 371 20.31 17.77 -17.31
N CYS B 372 19.05 17.33 -17.41
CA CYS B 372 18.28 17.01 -16.21
C CYS B 372 19.03 16.01 -15.34
N LEU B 373 19.41 14.85 -15.91
CA LEU B 373 20.03 13.81 -15.10
C LEU B 373 21.34 14.30 -14.47
N GLY B 374 22.08 15.15 -15.19
CA GLY B 374 23.32 15.68 -14.62
C GLY B 374 23.12 16.40 -13.30
N TYR B 375 21.94 16.98 -13.10
CA TYR B 375 21.72 17.69 -11.84
C TYR B 375 21.46 16.74 -10.66
N TRP B 376 21.15 15.46 -10.93
CA TRP B 376 20.80 14.57 -9.82
C TRP B 376 21.99 14.18 -8.96
N PRO B 377 23.14 13.77 -9.51
CA PRO B 377 24.30 13.58 -8.63
C PRO B 377 24.73 14.87 -7.95
N GLU B 378 24.58 16.02 -8.62
N GLU B 378 24.60 16.01 -8.64
CA GLU B 378 25.01 17.28 -8.02
CA GLU B 378 24.98 17.29 -8.05
C GLU B 378 24.15 17.62 -6.80
C GLU B 378 24.16 17.58 -6.79
N SER B 379 22.85 17.38 -6.88
CA SER B 379 21.93 17.73 -5.80
C SER B 379 21.63 16.57 -4.86
N GLY B 380 22.04 15.35 -5.21
CA GLY B 380 21.84 14.21 -4.34
C GLY B 380 20.39 13.75 -4.24
N GLY B 381 19.60 13.97 -5.27
CA GLY B 381 18.21 13.57 -5.25
C GLY B 381 17.63 13.41 -6.63
N TYR B 382 16.31 13.55 -6.74
CA TYR B 382 15.60 13.41 -8.01
C TYR B 382 15.00 14.72 -8.47
N CYS B 383 15.55 15.85 -7.99
CA CYS B 383 15.10 17.21 -8.27
C CYS B 383 13.57 17.33 -8.13
N GLY B 384 12.86 17.57 -9.22
CA GLY B 384 11.44 17.83 -9.15
C GLY B 384 11.08 19.30 -9.06
N VAL B 385 12.05 20.20 -9.25
CA VAL B 385 11.77 21.63 -9.15
C VAL B 385 10.68 22.04 -10.15
N CYS B 386 10.72 21.45 -11.34
CA CYS B 386 9.74 21.78 -12.37
C CYS B 386 8.33 21.45 -11.92
N VAL B 387 8.14 20.26 -11.36
CA VAL B 387 6.85 19.91 -10.76
C VAL B 387 6.49 20.88 -9.65
N ALA B 388 7.48 21.26 -8.84
CA ALA B 388 7.18 22.07 -7.65
C ALA B 388 6.71 23.47 -8.02
N VAL B 389 7.30 24.08 -9.07
CA VAL B 389 6.97 25.46 -9.41
C VAL B 389 5.79 25.58 -10.37
N CYS B 390 5.34 24.49 -10.98
CA CYS B 390 4.28 24.57 -11.97
C CYS B 390 3.00 25.12 -11.34
N PRO B 391 2.37 26.14 -11.95
CA PRO B 391 1.10 26.64 -11.39
C PRO B 391 0.05 25.56 -11.23
N PHE B 392 0.04 24.53 -12.09
CA PHE B 392 -1.00 23.51 -11.97
C PHE B 392 -0.83 22.63 -10.73
N THR B 393 0.38 22.61 -10.13
CA THR B 393 0.62 21.82 -8.94
C THR B 393 -0.10 22.41 -7.72
N LYS B 394 -0.22 23.73 -7.65
CA LYS B 394 -0.79 24.32 -6.43
C LYS B 394 -2.32 24.29 -6.44
N ASN B 431 10.14 25.33 5.07
CA ASN B 431 11.36 24.55 5.08
C ASN B 431 11.05 23.12 5.47
N ILE B 432 12.09 22.29 5.52
CA ILE B 432 11.87 20.87 5.73
C ILE B 432 11.51 20.56 7.19
N THR B 433 12.02 21.33 8.16
CA THR B 433 11.58 21.15 9.54
C THR B 433 10.07 21.35 9.66
N GLU B 434 9.56 22.41 9.03
CA GLU B 434 8.12 22.64 9.06
C GLU B 434 7.34 21.51 8.41
N VAL B 435 7.91 20.86 7.37
CA VAL B 435 7.22 19.72 6.77
C VAL B 435 7.13 18.57 7.77
N TRP B 436 8.26 18.23 8.41
CA TRP B 436 8.26 17.15 9.39
C TRP B 436 7.35 17.44 10.57
N ASP B 437 7.20 18.71 10.95
CA ASP B 437 6.33 19.10 12.05
C ASP B 437 4.91 19.42 11.60
N GLY B 438 4.62 19.36 10.30
CA GLY B 438 3.39 19.89 9.75
C GLY B 438 2.38 18.83 9.38
N LYS B 439 1.47 19.20 8.48
CA LYS B 439 0.31 18.38 8.11
C LYS B 439 0.72 17.12 7.36
N ILE B 440 0.17 15.98 7.76
CA ILE B 440 0.31 14.74 7.00
C ILE B 440 -0.95 13.92 7.23
N ASN B 441 -1.20 12.98 6.33
CA ASN B 441 -2.34 12.09 6.42
C ASN B 441 -1.96 10.81 5.68
N THR B 442 -2.87 9.86 5.64
CA THR B 442 -2.54 8.51 5.16
C THR B 442 -2.03 8.55 3.72
N TYR B 443 -0.89 7.88 3.49
CA TYR B 443 -0.20 7.85 2.20
C TYR B 443 0.18 9.24 1.71
N GLY B 444 0.20 10.23 2.60
CA GLY B 444 0.49 11.59 2.18
C GLY B 444 -0.63 12.28 1.42
N LEU B 445 -1.81 11.68 1.37
CA LEU B 445 -2.95 12.33 0.73
C LEU B 445 -3.46 13.48 1.61
N ASP B 446 -4.21 14.39 1.00
CA ASP B 446 -4.63 15.64 1.64
C ASP B 446 -6.17 15.67 1.73
N ALA B 447 -6.69 15.69 2.96
CA ALA B 447 -8.13 15.66 3.13
C ALA B 447 -8.80 16.94 2.64
N ASP B 448 -8.04 18.03 2.50
CA ASP B 448 -8.61 19.24 1.93
C ASP B 448 -9.03 19.06 0.48
N HIS B 449 -8.46 18.09 -0.24
CA HIS B 449 -8.75 17.88 -1.65
C HIS B 449 -9.21 16.47 -2.00
N PHE B 450 -9.16 15.55 -1.04
CA PHE B 450 -9.45 14.14 -1.30
C PHE B 450 -10.84 13.92 -1.86
N ARG B 451 -11.80 14.81 -1.56
CA ARG B 451 -13.13 14.66 -2.17
C ARG B 451 -13.11 14.78 -3.68
N ASP B 452 -12.12 15.47 -4.25
CA ASP B 452 -12.05 15.60 -5.70
C ASP B 452 -11.87 14.27 -6.41
N THR B 453 -11.41 13.22 -5.73
CA THR B 453 -11.24 11.94 -6.43
C THR B 453 -12.29 10.91 -6.01
N VAL B 454 -13.37 11.35 -5.36
CA VAL B 454 -14.48 10.45 -5.09
C VAL B 454 -15.04 9.98 -6.43
N SER B 455 -15.60 8.77 -6.45
CA SER B 455 -16.03 8.17 -7.70
C SER B 455 -17.29 7.36 -7.47
N PHE B 456 -18.29 7.58 -8.32
CA PHE B 456 -19.48 6.75 -8.43
C PHE B 456 -19.49 6.12 -9.82
N ARG B 457 -20.42 5.18 -10.05
CA ARG B 457 -20.46 4.52 -11.35
C ARG B 457 -20.52 5.52 -12.50
N LYS B 458 -21.33 6.57 -12.35
CA LYS B 458 -21.53 7.54 -13.44
C LYS B 458 -20.20 8.08 -13.98
N ASP B 459 -19.23 8.30 -13.11
CA ASP B 459 -17.94 8.81 -13.55
C ASP B 459 -16.91 7.71 -13.83
N ARG B 460 -17.27 6.45 -13.63
CA ARG B 460 -16.40 5.35 -14.06
C ARG B 460 -16.70 4.88 -15.47
N VAL B 461 -17.95 4.91 -15.91
CA VAL B 461 -18.24 4.49 -17.27
C VAL B 461 -19.52 5.11 -17.78
FE1 SF4 C . -20.05 -3.09 19.39
FE2 SF4 C . -19.75 -3.55 22.06
FE3 SF4 C . -20.69 -5.53 20.44
FE4 SF4 C . -22.21 -3.36 20.97
S1 SF4 C . -21.51 -4.94 22.52
S2 SF4 C . -21.86 -4.31 18.92
S3 SF4 C . -20.72 -1.70 21.10
S4 SF4 C . -18.63 -4.63 20.37
FE1 SF4 D . -19.04 -13.54 12.38
FE2 SF4 D . -18.05 -11.97 14.34
FE3 SF4 D . -19.69 -14.05 14.92
FE4 SF4 D . -17.21 -14.52 14.03
S1 SF4 D . -17.77 -13.49 16.00
S2 SF4 D . -19.11 -15.60 13.33
S3 SF4 D . -16.86 -12.84 12.58
S4 SF4 D . -20.27 -12.22 13.80
P BVQ E . -8.13 -14.11 23.54
CO BVQ E . -9.30 -12.18 13.88
C1 BVQ E . -7.55 -10.06 14.68
C2 BVQ E . -7.15 -8.67 14.08
O2 BVQ E . -8.18 -12.59 22.95
C3 BVQ E . -8.55 -8.06 13.71
O3 BVQ E . -7.38 -14.84 22.34
C4 BVQ E . -9.36 -9.31 13.48
O4 BVQ E . -7.37 -14.13 24.80
C5 BVQ E . -10.70 -9.32 12.78
O5 BVQ E . -9.58 -14.58 23.51
C6 BVQ E . -11.46 -10.47 12.69
C7 BVQ E . -12.83 -10.69 12.05
C8 BVQ E . -13.37 -11.81 12.98
C9 BVQ E . -12.08 -12.51 13.33
C10 BVQ E . -12.08 -13.88 13.68
C11 BVQ E . -10.94 -14.57 14.08
C12 BVQ E . -11.04 -16.02 14.48
C13 BVQ E . -9.60 -16.40 14.88
C14 BVQ E . -8.85 -15.00 14.76
C15 BVQ E . -7.51 -14.84 15.00
C16 BVQ E . -6.84 -13.51 14.90
C17 BVQ E . -5.36 -13.21 15.16
C18 BVQ E . -5.45 -11.67 15.24
C19 BVQ E . -6.64 -11.31 14.34
N1B BVQ E . -7.84 -9.57 23.13
C1P BVQ E . -5.57 -15.44 20.89
C1R BVQ E . -8.64 -9.83 21.94
C20 BVQ E . -7.83 -10.08 16.17
N21 BVQ E . -8.80 -10.36 13.98
N22 BVQ E . -11.05 -11.64 13.35
N23 BVQ E . -9.74 -14.02 14.25
N24 BVQ E . -7.52 -12.48 14.47
C25 BVQ E . -6.30 -7.83 15.05
C26 BVQ E . -6.43 -8.92 12.70
C27 BVQ E . -6.00 -7.65 11.91
O28 BVQ E . -6.44 -6.54 12.24
N29 BVQ E . -5.13 -7.83 10.93
C2B BVQ E . -6.56 -9.91 23.14
C2P BVQ E . -5.98 -14.78 22.25
C2R BVQ E . -9.74 -10.87 22.11
C30 BVQ E . -9.12 -7.12 14.80
C31 BVQ E . -8.85 -5.63 14.50
C32 BVQ E . -9.28 -4.74 15.65
N33 BVQ E . -9.86 -3.61 15.32
O34 BVQ E . -9.08 -5.09 16.82
C35 BVQ E . -11.08 -7.96 12.24
C36 BVQ E . -13.84 -9.52 12.06
C37 BVQ E . -12.69 -11.30 10.64
C38 BVQ E . -12.43 -10.24 9.56
O39 BVQ E . -11.47 -9.47 9.64
N3B BVQ E . -5.88 -9.45 24.21
C3R BVQ E . -8.95 -12.15 21.85
N40 BVQ E . -13.27 -10.24 8.53
C41 BVQ E . -13.99 -11.17 14.24
C42 BVQ E . -14.04 -12.07 15.47
C43 BVQ E . -14.26 -11.31 16.76
O44 BVQ E . -13.48 -10.43 17.13
N45 BVQ E . -15.35 -11.62 17.44
C46 BVQ E . -11.50 -16.95 13.32
C47 BVQ E . -12.09 -16.09 15.60
C48 BVQ E . -9.50 -17.14 16.23
C49 BVQ E . -9.25 -16.25 17.47
N4B BVQ E . -6.54 -8.09 26.11
C4R BVQ E . -8.02 -11.74 20.72
C50 BVQ E . -8.70 -17.02 18.65
O51 BVQ E . -8.34 -18.20 18.53
N52 BVQ E . -8.61 -16.36 19.79
C53 BVQ E . -6.63 -16.01 15.35
C54 BVQ E . -4.53 -13.69 13.95
C55 BVQ E . -4.70 -13.71 16.47
C56 BVQ E . -5.48 -13.32 17.73
C57 BVQ E . -4.96 -14.10 18.93
O58 BVQ E . -3.76 -14.21 19.16
N59 BVQ E . -5.89 -14.63 19.72
C5B BVQ E . -7.65 -7.52 26.58
C5R BVQ E . -8.58 -11.98 19.33
C60 BVQ E . -4.17 -10.88 14.93
C61 BVQ E . -3.28 -10.82 16.15
N62 BVQ E . -2.05 -11.32 16.02
O63 BVQ E . -3.70 -10.36 17.21
N6B BVQ E . -8.88 -7.53 26.05
O6R BVQ E . -7.80 -10.32 20.90
N7A BVQ E . -10.32 -8.17 24.38
C7B BVQ E . -9.09 -8.17 24.88
O7R BVQ E . -10.27 -10.89 23.43
C8B BVQ E . -7.98 -8.82 24.29
O8R BVQ E . -8.73 -13.37 19.09
C9B BVQ E . -6.77 -8.74 24.96
C1 BEN F . -2.35 -27.90 11.13
C2 BEN F . -1.80 -29.00 10.49
C3 BEN F . -2.19 -30.30 10.77
C4 BEN F . -3.17 -30.54 11.72
C5 BEN F . -3.73 -29.44 12.38
C6 BEN F . -3.33 -28.14 12.09
C BEN F . -1.84 -26.63 10.76
N1 BEN F . -0.62 -26.60 10.24
N2 BEN F . -2.43 -25.43 10.88
C1 GOL G . -2.93 -22.94 10.12
O1 GOL G . -2.45 -24.29 10.24
C2 GOL G . -2.83 -22.24 8.76
O2 GOL G . -1.76 -21.29 8.70
C3 GOL G . -4.13 -21.47 8.49
O3 GOL G . -3.97 -20.59 7.40
C1 GOL H . 9.91 -6.98 -0.56
O1 GOL H . 10.21 -7.82 -1.65
C2 GOL H . 10.85 -7.38 0.57
O2 GOL H . 12.16 -7.09 0.16
C3 GOL H . 10.65 -8.86 0.88
O3 GOL H . 11.34 -9.21 2.06
C1 GOL I . -17.24 -4.07 33.74
O1 GOL I . -16.34 -3.71 34.76
C2 GOL I . -17.47 -5.59 33.80
O2 GOL I . -16.22 -6.24 33.92
C3 GOL I . -18.20 -6.03 32.54
O3 GOL I . -18.64 -7.36 32.68
C1 GOL J . -17.74 -12.03 38.65
O1 GOL J . -18.83 -11.18 38.31
C2 GOL J . -16.60 -11.81 37.67
O2 GOL J . -17.06 -12.02 36.36
C3 GOL J . -15.48 -12.80 37.95
O3 GOL J . -14.34 -12.44 37.19
C1 GOL K . -16.33 9.79 30.48
O1 GOL K . -17.74 9.92 30.52
C2 GOL K . -15.99 8.48 29.78
O2 GOL K . -17.20 7.84 29.45
C3 GOL K . -15.17 7.59 30.72
O3 GOL K . -15.60 6.26 30.63
C 94N L . -7.37 -16.19 7.80
O 94N L . -6.53 -12.74 9.98
C1 94N L . -6.24 -16.14 8.61
C2 94N L . -5.97 -14.98 9.33
C4 94N L . -7.93 -13.97 8.45
C5 94N L . -8.22 -15.11 7.72
BR1 94N L . -4.42 -14.93 10.42
C3 94N L . -6.81 -13.86 9.27
BR 94N L . -9.13 -12.49 8.31
FE1 SF4 M . 3.83 24.12 -15.75
FE2 SF4 M . 3.64 24.47 -18.43
FE3 SF4 M . 6.06 24.56 -17.29
FE4 SF4 M . 4.25 26.56 -16.83
S1 SF4 M . 5.22 26.03 -18.87
S2 SF4 M . 5.53 25.51 -15.25
S3 SF4 M . 2.32 25.44 -16.86
S4 SF4 M . 4.74 22.75 -17.39
FE1 SF4 N . 14.93 19.46 -12.13
FE2 SF4 N . 12.83 19.27 -13.76
FE3 SF4 N . 15.11 17.94 -14.28
FE4 SF4 N . 15.08 20.59 -14.55
S1 SF4 N . 13.85 19.09 -15.78
S2 SF4 N . 16.74 19.38 -13.53
S3 SF4 N . 13.67 21.22 -12.92
S4 SF4 N . 13.72 17.55 -12.56
P BVQ O . 10.48 11.98 -25.14
CO BVQ O . 11.03 10.82 -15.26
C1 BVQ O . 8.43 9.79 -15.85
C2 BVQ O . 7.14 9.49 -14.99
O2 BVQ O . 9.20 12.15 -24.15
C3 BVQ O . 6.98 10.84 -14.20
O3 BVQ O . 11.27 10.83 -24.33
C4 BVQ O . 8.42 11.32 -14.16
O4 BVQ O . 10.03 11.59 -26.49
C5 BVQ O . 8.90 12.33 -13.18
O5 BVQ O . 11.27 13.27 -24.92
C6 BVQ O . 10.17 12.86 -13.24
C7 BVQ O . 10.82 13.97 -12.40
C8 BVQ O . 11.79 14.55 -13.47
C9 BVQ O . 12.10 13.30 -14.26
C10 BVQ O . 13.31 13.14 -14.93
C11 BVQ O . 13.62 12.03 -15.71
C12 BVQ O . 14.95 11.99 -16.43
C13 BVQ O . 14.90 10.67 -17.27
C14 BVQ O . 13.42 10.15 -16.93
C15 BVQ O . 12.91 8.97 -17.42
C16 BVQ O . 11.50 8.55 -17.11
C17 BVQ O . 10.77 7.30 -17.61
C18 BVQ O . 9.32 7.68 -17.28
C19 BVQ O . 9.45 8.61 -16.05
N1B BVQ O . 6.24 12.41 -23.59
C1P BVQ O . 11.82 8.62 -23.50
C1R BVQ O . 6.93 12.79 -22.37
C20 BVQ O . 8.16 10.39 -17.22
N21 BVQ O . 9.17 10.74 -15.04
N22 BVQ O . 11.04 12.47 -14.28
N23 BVQ O . 12.82 10.99 -15.97
N24 BVQ O . 10.78 9.25 -16.27
C25 BVQ O . 5.93 9.09 -15.87
C26 BVQ O . 7.45 8.43 -13.89
C27 BVQ O . 6.29 7.99 -12.98
O28 BVQ O . 5.27 8.68 -12.89
N29 BVQ O . 6.47 6.87 -12.32
C2B BVQ O . 6.26 11.14 -23.98
C2P BVQ O . 11.03 9.44 -24.54
C2R BVQ O . 8.16 13.71 -22.58
C30 BVQ O . 6.00 11.85 -14.84
C31 BVQ O . 4.60 11.77 -14.22
C32 BVQ O . 3.62 12.67 -14.95
N33 BVQ O . 2.80 13.38 -14.19
O34 BVQ O . 3.59 12.70 -16.19
C35 BVQ O . 7.82 12.71 -12.20
C36 BVQ O . 9.92 15.10 -11.84
C37 BVQ O . 11.69 13.38 -11.26
C38 BVQ O . 10.87 13.00 -10.01
O39 BVQ O . 9.91 12.24 -10.08
N3B BVQ O . 5.44 10.87 -25.02
C3R BVQ O . 9.24 12.66 -22.84
N40 BVQ O . 11.31 13.49 -8.87
C41 BVQ O . 11.01 15.53 -14.36
C42 BVQ O . 11.76 15.99 -15.60
C43 BVQ O . 10.82 16.43 -16.71
O44 BVQ O . 10.00 15.64 -17.18
N45 BVQ O . 10.94 17.68 -17.11
C46 BVQ O . 16.14 11.95 -15.47
C47 BVQ O . 15.01 13.29 -17.26
C48 BVQ O . 15.28 10.83 -18.76
C49 BVQ O . 14.15 11.09 -19.74
N4B BVQ O . 3.89 12.25 -26.28
C4R BVQ O . 8.86 11.56 -21.86
C50 BVQ O . 14.50 10.68 -21.16
O51 BVQ O . 15.53 10.04 -21.40
N52 BVQ O . 13.62 11.01 -22.10
C53 BVQ O . 13.74 8.04 -18.28
C54 BVQ O . 11.28 6.09 -16.79
C55 BVQ O . 10.81 6.91 -19.12
C56 BVQ O . 10.44 8.10 -20.01
C57 BVQ O . 10.78 7.79 -21.45
O58 BVQ O . 10.56 6.67 -21.94
N59 BVQ O . 11.32 8.78 -22.15
C5B BVQ O . 3.49 13.52 -26.30
C5R BVQ O . 9.49 11.69 -20.49
C60 BVQ O . 8.34 6.51 -17.08
C61 BVQ O . 7.78 5.98 -18.38
N62 BVQ O . 7.94 4.69 -18.61
O63 BVQ O . 7.21 6.74 -19.18
N6B BVQ O . 3.90 14.54 -25.52
O6R BVQ O . 7.43 11.62 -21.73
N7A BVQ O . 5.24 15.32 -23.81
C7B BVQ O . 4.83 14.30 -24.57
O7R BVQ O . 7.97 14.51 -23.73
C8B BVQ O . 5.31 12.98 -24.44
O8R BVQ O . 10.90 11.56 -20.56
C9B BVQ O . 4.80 12.04 -25.33
C1 GOL P . 19.21 2.68 -13.67
O1 GOL P . 19.10 2.33 -12.30
C2 GOL P . 19.26 1.42 -14.52
O2 GOL P . 18.58 0.34 -13.90
C3 GOL P . 20.72 1.03 -14.72
O3 GOL P . 20.99 1.02 -16.11
C1 GOL Q . 4.38 -10.50 -4.53
O1 GOL Q . 5.44 -11.09 -3.81
C2 GOL Q . 4.34 -11.11 -5.92
O2 GOL Q . 3.91 -12.46 -5.83
C3 GOL Q . 5.74 -11.07 -6.51
O3 GOL Q . 5.70 -11.47 -7.86
C 94N R . 15.69 6.67 -11.00
O 94N R . 11.78 7.16 -12.34
C1 94N R . 15.19 5.85 -12.00
C2 94N R . 13.89 6.00 -12.44
C4 94N R . 13.59 7.81 -10.91
C5 94N R . 14.88 7.66 -10.46
BR1 94N R . 13.23 4.84 -13.79
C3 94N R . 13.05 6.99 -11.91
BR 94N R . 12.50 9.17 -10.15
#